data_8T7C
#
_entry.id   8T7C
#
_cell.length_a   78.340
_cell.length_b   97.140
_cell.length_c   180.920
_cell.angle_alpha   90.000
_cell.angle_beta   90.000
_cell.angle_gamma   90.000
#
_symmetry.space_group_name_H-M   'P 21 21 21'
#
loop_
_entity.id
_entity.type
_entity.pdbx_description
1 polymer '1-phosphatidylinositol 4,5-bisphosphate phosphodiesterase gamma-2'
2 non-polymer 'CALCIUM ION'
3 non-polymer 1,2-ETHANEDIOL
4 water water
#
_entity_poly.entity_id   1
_entity_poly.type   'polypeptide(L)'
_entity_poly.pdbx_seq_one_letter_code
;SIAEKSQIKRALELGTVMTVFSFRKSTPERRTVQVIMETRQVAWSKTADKIEGFLDIMEIKEIRPGKNSKDFERAKAVRQ
KEDCCFTILYGTQFVLSTLSLAADSKEDAVNWLSGLKILHQEAMNASTPTIIESWLRKQIYSVDQTRRNSISLRELKTIL
PLINFKVSSAKFLKDKFVEIGAHKDELSFEQFHLFYKKLMFEQQKSILDEFGSGSAVYLHDFQRFLIHEQQEHWAQDLNK
VRERMTKFIDDTMRETAEPFLFVDEFLTYLFSRENSIWDEKYDAVDMQDMNNPLSHYWISSSHNTYLTGDQLRSESSPEA
YIRCLRMGCRCIELDCWDGPDGKPVIYHGWTRTTKIKFDDVVQAIKDHAFVTSSFPVILSIEEHCSVEQQRHMAKAFKEV
FGDLLLTKPTEASADQLPSPSQLREKIIIKHKKLGPRGDVDVNMEDKKDEHKQQGELYMWDSIDQKWTRHYCAIADAKLS
FSDDIEQTMEEEVPQDIPPTELHFGEKWFHKKVEKRTSAEKLLQEYCMETGGKDGTFLVRESETFPNDYTLSFWRSGRVQ
HCRIRSTMEGGTLKYYLTDNLTFSSIYALIQHYRETHLRCAEFELRLTDPVPNPNPHESKPWYYDSLSRGEAEDMLMRIP
RDGAFLIRKREGSDSYAITFRARGKVKHCRINRDGRHFVLGTSAYFESLVELVSYYEKHSLYRKMRLRYPVTPELLERYN
MERDINSLYDVSRMYVDPSEINPSMPQRTVKALYDYKAKRSDELSFCRGALIHNVSKEPGGWWKGDYGTRIQQYFPSNYV
EDISTADFEELEKQIIEDNPLGSLCRGILDLNTYNVVKAPQGKNQKSFVFILEPKQQGDPPVEFATDRVEELFEWFQSIR
EITWKIDTKENNMKYWEKNQSIAIELSDLVVYCKPTSKTKDNLENPDFREIRSFVETKADSIIRQKPVDLLKYNQKGLTR
VYPKGQRVDSSNYDPFRLWLCGSQMVALNFQTADKYMQMNHALFSLNGRTGYVLQPESMRTEKYDPMPPESQRKILMTLT
VKVLGARHLPKLGRSIACPFVEVEICGAEYDNNKFKTTVVNDNGLSPIWAPTQEKVTFEIYDPNLAFLRFVVYEEDMFSD
PNFLAHATYPIKAVKSGFRSVPLKNGYSEDIELASLLVFCEMRPVL
;
_entity_poly.pdbx_strand_id   A
#
# COMPACT_ATOMS: atom_id res chain seq x y z
N GLN A 7 -7.82 -38.72 -7.25
CA GLN A 7 -6.36 -39.04 -7.25
C GLN A 7 -5.83 -38.92 -5.81
N ILE A 8 -4.89 -38.00 -5.55
CA ILE A 8 -4.39 -37.65 -4.19
C ILE A 8 -5.31 -36.58 -3.61
N LYS A 9 -6.07 -35.86 -4.46
CA LYS A 9 -7.04 -34.81 -4.05
C LYS A 9 -7.98 -35.34 -2.96
N ARG A 10 -8.36 -36.62 -3.05
CA ARG A 10 -9.23 -37.30 -2.05
C ARG A 10 -8.43 -37.54 -0.76
N ALA A 11 -7.14 -37.86 -0.87
CA ALA A 11 -6.21 -38.03 0.27
C ALA A 11 -6.03 -36.68 1.01
N LEU A 12 -6.08 -35.56 0.27
CA LEU A 12 -5.96 -34.19 0.82
C LEU A 12 -7.31 -33.70 1.37
N GLU A 13 -8.42 -34.10 0.74
CA GLU A 13 -9.81 -33.74 1.18
C GLU A 13 -10.12 -34.45 2.50
N LEU A 14 -9.65 -35.70 2.66
CA LEU A 14 -9.77 -36.49 3.91
C LEU A 14 -8.91 -35.84 4.99
N GLY A 15 -7.64 -35.57 4.68
CA GLY A 15 -6.71 -34.84 5.56
C GLY A 15 -5.47 -35.67 5.90
N THR A 16 -4.67 -35.17 6.83
CA THR A 16 -3.38 -35.75 7.27
C THR A 16 -2.94 -35.06 8.56
N VAL A 17 -2.61 -35.83 9.60
CA VAL A 17 -2.03 -35.30 10.88
C VAL A 17 -0.57 -34.94 10.58
N MET A 18 -0.18 -33.69 10.87
CA MET A 18 1.19 -33.16 10.68
C MET A 18 1.54 -32.24 11.86
N THR A 19 2.79 -31.80 11.94
CA THR A 19 3.31 -30.87 12.99
C THR A 19 3.41 -29.45 12.42
N VAL A 20 2.61 -28.52 12.94
CA VAL A 20 2.62 -27.08 12.59
C VAL A 20 3.69 -26.38 13.44
N PHE A 21 4.45 -25.47 12.83
CA PHE A 21 5.44 -24.58 13.48
C PHE A 21 5.04 -23.12 13.24
N SER A 22 4.94 -22.34 14.31
CA SER A 22 4.75 -20.86 14.31
C SER A 22 5.86 -20.21 15.13
N PHE A 23 6.45 -19.12 14.63
CA PHE A 23 7.39 -18.26 15.40
C PHE A 23 6.60 -17.55 16.51
N ARG A 24 5.27 -17.48 16.37
CA ARG A 24 4.34 -16.79 17.31
C ARG A 24 4.03 -17.71 18.51
N LYS A 25 3.99 -19.04 18.30
CA LYS A 25 3.79 -20.06 19.37
C LYS A 25 5.12 -20.78 19.62
N SER A 26 5.44 -21.05 20.89
CA SER A 26 6.79 -21.50 21.35
C SER A 26 6.93 -23.03 21.33
N THR A 27 5.81 -23.78 21.25
CA THR A 27 5.80 -25.27 21.18
C THR A 27 5.04 -25.72 19.93
N PRO A 28 5.67 -26.55 19.06
CA PRO A 28 4.96 -27.16 17.94
C PRO A 28 3.66 -27.86 18.36
N GLU A 29 2.62 -27.76 17.52
CA GLU A 29 1.26 -28.30 17.76
C GLU A 29 0.95 -29.32 16.67
N ARG A 30 0.57 -30.54 17.05
CA ARG A 30 0.06 -31.57 16.11
C ARG A 30 -1.36 -31.18 15.71
N ARG A 31 -1.66 -31.21 14.40
CA ARG A 31 -2.97 -30.82 13.81
C ARG A 31 -3.25 -31.69 12.59
N THR A 32 -4.55 -31.94 12.32
CA THR A 32 -5.04 -32.49 11.03
C THR A 32 -5.05 -31.36 10.01
N VAL A 33 -4.34 -31.54 8.89
CA VAL A 33 -4.26 -30.59 7.74
C VAL A 33 -5.09 -31.18 6.60
N GLN A 34 -6.05 -30.42 6.07
CA GLN A 34 -7.00 -30.90 5.02
C GLN A 34 -7.24 -29.79 4.00
N VAL A 35 -7.85 -30.14 2.86
CA VAL A 35 -8.27 -29.18 1.79
C VAL A 35 -9.80 -29.25 1.69
N ILE A 36 -10.49 -28.18 2.11
CA ILE A 36 -11.96 -28.02 1.89
C ILE A 36 -12.13 -27.53 0.45
N MET A 37 -12.57 -28.43 -0.44
CA MET A 37 -12.70 -28.19 -1.90
C MET A 37 -13.78 -27.12 -2.15
N GLU A 38 -14.79 -27.08 -1.27
CA GLU A 38 -16.01 -26.23 -1.40
C GLU A 38 -15.66 -24.75 -1.25
N THR A 39 -14.66 -24.42 -0.42
CA THR A 39 -14.17 -23.04 -0.15
C THR A 39 -12.77 -22.84 -0.75
N ARG A 40 -12.12 -23.90 -1.21
CA ARG A 40 -10.73 -23.91 -1.74
C ARG A 40 -9.79 -23.31 -0.69
N GLN A 41 -9.84 -23.86 0.53
CA GLN A 41 -8.97 -23.49 1.67
C GLN A 41 -8.10 -24.71 2.02
N VAL A 42 -6.89 -24.47 2.51
CA VAL A 42 -6.11 -25.43 3.34
C VAL A 42 -6.43 -25.11 4.80
N ALA A 43 -7.10 -26.02 5.51
CA ALA A 43 -7.51 -25.88 6.92
C ALA A 43 -6.64 -26.77 7.80
N TRP A 44 -6.31 -26.31 9.01
CA TRP A 44 -5.61 -27.09 10.06
C TRP A 44 -6.43 -27.01 11.36
N SER A 45 -6.83 -28.17 11.89
CA SER A 45 -7.73 -28.30 13.05
C SER A 45 -7.07 -29.18 14.13
N LYS A 46 -7.37 -28.90 15.41
CA LYS A 46 -6.98 -29.75 16.56
C LYS A 46 -7.98 -30.91 16.66
N THR A 47 -9.28 -30.62 16.55
CA THR A 47 -10.41 -31.59 16.66
C THR A 47 -11.27 -31.50 15.39
N ALA A 48 -12.23 -32.42 15.23
CA ALA A 48 -13.08 -32.56 14.02
C ALA A 48 -14.21 -31.52 14.02
N ASP A 49 -14.62 -31.04 15.19
CA ASP A 49 -15.79 -30.14 15.38
C ASP A 49 -15.50 -28.75 14.80
N LYS A 50 -14.31 -28.19 15.08
CA LYS A 50 -13.94 -26.80 14.74
C LYS A 50 -12.56 -26.75 14.07
N ILE A 51 -12.37 -25.82 13.14
CA ILE A 51 -11.10 -25.56 12.40
C ILE A 51 -10.36 -24.41 13.10
N GLU A 52 -9.18 -24.70 13.67
CA GLU A 52 -8.34 -23.73 14.42
C GLU A 52 -7.92 -22.56 13.52
N GLY A 53 -7.47 -22.86 12.30
CA GLY A 53 -6.95 -21.87 11.33
C GLY A 53 -7.05 -22.34 9.90
N PHE A 54 -7.11 -21.40 8.95
CA PHE A 54 -7.26 -21.67 7.49
C PHE A 54 -6.46 -20.63 6.68
N LEU A 55 -6.12 -20.99 5.44
CA LEU A 55 -5.56 -20.07 4.40
C LEU A 55 -6.24 -20.37 3.07
N ASP A 56 -6.59 -19.32 2.30
CA ASP A 56 -7.17 -19.45 0.94
C ASP A 56 -6.07 -19.89 -0.01
N ILE A 57 -6.35 -20.89 -0.86
CA ILE A 57 -5.38 -21.44 -1.84
C ILE A 57 -5.03 -20.35 -2.86
N MET A 58 -5.97 -19.43 -3.13
CA MET A 58 -5.80 -18.28 -4.06
C MET A 58 -4.61 -17.41 -3.63
N GLU A 59 -4.33 -17.33 -2.33
CA GLU A 59 -3.30 -16.43 -1.75
C GLU A 59 -1.92 -17.10 -1.70
N ILE A 60 -1.77 -18.33 -2.24
CA ILE A 60 -0.46 -19.06 -2.20
C ILE A 60 0.45 -18.52 -3.30
N LYS A 61 1.67 -18.15 -2.92
CA LYS A 61 2.69 -17.53 -3.80
C LYS A 61 3.82 -18.54 -4.07
N GLU A 62 4.04 -19.46 -3.13
CA GLU A 62 5.17 -20.42 -3.15
C GLU A 62 4.90 -21.55 -2.15
N ILE A 63 5.16 -22.79 -2.57
CA ILE A 63 5.22 -23.97 -1.68
C ILE A 63 6.68 -24.45 -1.67
N ARG A 64 7.40 -24.16 -0.59
CA ARG A 64 8.87 -24.29 -0.49
C ARG A 64 9.24 -25.53 0.33
N PRO A 65 9.86 -26.55 -0.30
CA PRO A 65 10.25 -27.76 0.42
C PRO A 65 11.43 -27.48 1.37
N GLY A 66 11.57 -28.26 2.44
CA GLY A 66 12.67 -28.18 3.42
C GLY A 66 12.27 -27.43 4.68
N LYS A 67 13.26 -27.01 5.47
CA LYS A 67 13.08 -26.26 6.74
C LYS A 67 13.56 -24.82 6.55
N ASN A 68 13.19 -24.19 5.43
CA ASN A 68 13.58 -22.80 5.06
C ASN A 68 12.37 -21.87 5.26
N SER A 69 12.13 -21.45 6.50
CA SER A 69 11.07 -20.48 6.88
C SER A 69 11.39 -19.88 8.24
N LYS A 70 10.82 -18.72 8.56
CA LYS A 70 11.06 -18.01 9.85
C LYS A 70 10.55 -18.88 11.01
N ASP A 71 9.47 -19.64 10.80
CA ASP A 71 8.89 -20.59 11.79
C ASP A 71 9.92 -21.66 12.15
N PHE A 72 10.49 -22.33 11.14
CA PHE A 72 11.46 -23.44 11.28
C PHE A 72 12.70 -22.95 12.03
N GLU A 73 13.33 -21.88 11.55
CA GLU A 73 14.64 -21.37 12.04
C GLU A 73 14.50 -20.79 13.46
N ARG A 74 13.28 -20.47 13.89
CA ARG A 74 12.97 -19.88 15.23
C ARG A 74 12.51 -20.96 16.21
N ALA A 75 12.07 -22.13 15.72
CA ALA A 75 11.69 -23.30 16.53
C ALA A 75 12.93 -23.84 17.26
N LYS A 76 12.71 -24.60 18.34
CA LYS A 76 13.78 -25.09 19.26
C LYS A 76 14.63 -26.16 18.55
N ALA A 77 14.00 -27.11 17.86
CA ALA A 77 14.65 -28.33 17.30
C ALA A 77 14.24 -28.56 15.85
N VAL A 78 13.01 -29.01 15.62
CA VAL A 78 12.53 -29.63 14.35
C VAL A 78 13.32 -30.94 14.14
N ARG A 79 12.79 -32.05 14.65
CA ARG A 79 13.41 -33.40 14.60
C ARG A 79 13.08 -34.09 13.28
N GLN A 80 11.91 -33.80 12.70
CA GLN A 80 11.42 -34.38 11.42
C GLN A 80 12.47 -34.09 10.33
N LYS A 81 12.53 -34.95 9.30
CA LYS A 81 13.53 -34.88 8.20
C LYS A 81 13.20 -33.70 7.28
N GLU A 82 14.21 -33.22 6.53
CA GLU A 82 14.10 -32.17 5.49
C GLU A 82 13.01 -32.55 4.46
N ASP A 83 12.95 -33.83 4.09
CA ASP A 83 12.09 -34.35 2.99
C ASP A 83 10.65 -34.58 3.48
N CYS A 84 10.38 -34.42 4.79
CA CYS A 84 9.02 -34.45 5.38
C CYS A 84 8.53 -33.01 5.66
N CYS A 85 9.44 -32.04 5.62
CA CYS A 85 9.20 -30.61 5.94
C CYS A 85 8.98 -29.81 4.65
N PHE A 86 8.03 -28.87 4.69
CA PHE A 86 7.77 -27.88 3.61
C PHE A 86 7.05 -26.66 4.21
N THR A 87 7.02 -25.55 3.45
CA THR A 87 6.42 -24.26 3.90
C THR A 87 5.50 -23.72 2.80
N ILE A 88 4.23 -23.46 3.16
CA ILE A 88 3.28 -22.68 2.34
C ILE A 88 3.46 -21.20 2.69
N LEU A 89 4.04 -20.41 1.78
CA LEU A 89 4.12 -18.92 1.91
C LEU A 89 2.93 -18.33 1.14
N TYR A 90 2.04 -17.66 1.87
CA TYR A 90 0.75 -17.12 1.36
C TYR A 90 0.47 -15.75 2.00
N GLY A 91 -0.46 -14.99 1.43
CA GLY A 91 -0.93 -13.72 2.01
C GLY A 91 -1.23 -12.68 0.95
N THR A 92 -1.68 -11.51 1.41
CA THR A 92 -2.23 -10.41 0.57
C THR A 92 -1.31 -9.19 0.69
N GLN A 93 -0.23 -9.29 1.49
CA GLN A 93 0.65 -8.16 1.88
C GLN A 93 2.05 -8.40 1.31
N PHE A 94 2.98 -7.48 1.52
CA PHE A 94 4.40 -7.66 1.10
C PHE A 94 5.02 -8.77 1.94
N VAL A 95 4.91 -8.64 3.27
CA VAL A 95 5.25 -9.71 4.25
C VAL A 95 4.18 -10.79 4.15
N LEU A 96 4.53 -11.96 3.60
CA LEU A 96 3.61 -13.12 3.49
C LEU A 96 3.56 -13.87 4.84
N SER A 97 2.39 -14.39 5.20
CA SER A 97 2.21 -15.39 6.28
C SER A 97 2.90 -16.70 5.86
N THR A 98 3.32 -17.50 6.83
CA THR A 98 3.98 -18.81 6.62
C THR A 98 3.20 -19.89 7.40
N LEU A 99 2.78 -20.95 6.71
CA LEU A 99 2.36 -22.24 7.32
C LEU A 99 3.45 -23.27 7.06
N SER A 100 4.33 -23.47 8.06
CA SER A 100 5.46 -24.44 8.06
C SER A 100 4.98 -25.78 8.65
N LEU A 101 5.09 -26.86 7.90
CA LEU A 101 4.52 -28.20 8.25
C LEU A 101 5.62 -29.26 8.21
N ALA A 102 5.60 -30.18 9.18
CA ALA A 102 6.39 -31.44 9.18
C ALA A 102 5.42 -32.63 9.17
N ALA A 103 5.46 -33.43 8.10
CA ALA A 103 4.66 -34.67 7.94
C ALA A 103 5.34 -35.82 8.68
N ASP A 104 4.60 -36.89 8.96
CA ASP A 104 5.10 -38.14 9.59
C ASP A 104 6.11 -38.82 8.66
N SER A 105 5.90 -38.69 7.34
CA SER A 105 6.66 -39.42 6.29
C SER A 105 6.94 -38.51 5.07
N LYS A 106 8.01 -38.83 4.34
CA LYS A 106 8.40 -38.21 3.05
C LYS A 106 7.30 -38.46 2.01
N GLU A 107 6.58 -39.58 2.12
CA GLU A 107 5.47 -39.98 1.23
C GLU A 107 4.41 -38.87 1.20
N ASP A 108 3.85 -38.54 2.37
CA ASP A 108 2.76 -37.55 2.56
C ASP A 108 3.23 -36.17 2.09
N ALA A 109 4.40 -35.73 2.54
CA ALA A 109 5.03 -34.42 2.18
C ALA A 109 5.00 -34.24 0.66
N VAL A 110 5.53 -35.23 -0.07
CA VAL A 110 5.61 -35.24 -1.57
C VAL A 110 4.18 -35.28 -2.13
N ASN A 111 3.26 -35.98 -1.45
CA ASN A 111 1.82 -36.03 -1.84
C ASN A 111 1.24 -34.61 -1.84
N TRP A 112 1.57 -33.81 -0.81
CA TRP A 112 1.01 -32.45 -0.60
C TRP A 112 1.56 -31.47 -1.64
N LEU A 113 2.88 -31.41 -1.81
CA LEU A 113 3.58 -30.48 -2.76
C LEU A 113 3.00 -30.65 -4.17
N SER A 114 2.71 -31.89 -4.59
CA SER A 114 2.13 -32.23 -5.91
C SER A 114 0.64 -31.89 -5.94
N GLY A 115 -0.09 -32.30 -4.90
CA GLY A 115 -1.55 -32.14 -4.77
C GLY A 115 -1.96 -30.69 -4.63
N LEU A 116 -1.19 -29.88 -3.89
CA LEU A 116 -1.46 -28.44 -3.67
C LEU A 116 -1.23 -27.67 -4.98
N LYS A 117 -0.11 -27.95 -5.67
CA LYS A 117 0.28 -27.29 -6.95
C LYS A 117 -0.88 -27.38 -7.95
N ILE A 118 -1.48 -28.56 -8.12
CA ILE A 118 -2.57 -28.81 -9.11
C ILE A 118 -3.87 -28.18 -8.59
N LEU A 119 -4.07 -28.18 -7.26
CA LEU A 119 -5.27 -27.62 -6.59
C LEU A 119 -5.28 -26.09 -6.75
N HIS A 120 -4.10 -25.46 -6.67
CA HIS A 120 -3.88 -24.01 -6.90
C HIS A 120 -4.26 -23.66 -8.34
N GLN A 121 -3.63 -24.33 -9.32
CA GLN A 121 -3.86 -24.13 -10.77
C GLN A 121 -5.35 -24.21 -11.09
N GLU A 122 -6.05 -25.21 -10.54
CA GLU A 122 -7.51 -25.40 -10.73
C GLU A 122 -8.24 -24.13 -10.28
N ALA A 123 -7.88 -23.60 -9.11
CA ALA A 123 -8.47 -22.39 -8.49
C ALA A 123 -8.19 -21.18 -9.38
N MET A 124 -6.93 -21.01 -9.82
CA MET A 124 -6.50 -19.90 -10.72
C MET A 124 -7.34 -19.92 -12.00
N ASN A 125 -7.54 -21.09 -12.59
CA ASN A 125 -8.17 -21.28 -13.93
C ASN A 125 -9.69 -21.36 -13.82
N ALA A 126 -10.25 -21.28 -12.61
CA ALA A 126 -11.69 -21.49 -12.33
C ALA A 126 -12.51 -20.29 -12.80
N SER A 127 -13.76 -20.55 -13.18
CA SER A 127 -14.75 -19.56 -13.66
C SER A 127 -15.22 -18.69 -12.50
N THR A 128 -15.75 -17.50 -12.79
CA THR A 128 -16.24 -16.53 -11.76
C THR A 128 -17.35 -17.19 -10.95
N PRO A 129 -18.38 -17.82 -11.59
CA PRO A 129 -19.44 -18.50 -10.84
C PRO A 129 -18.99 -19.62 -9.89
N THR A 130 -17.84 -20.26 -10.15
CA THR A 130 -17.23 -21.26 -9.25
C THR A 130 -16.62 -20.56 -8.02
N ILE A 131 -16.04 -19.36 -8.22
CA ILE A 131 -15.42 -18.54 -7.14
C ILE A 131 -16.52 -17.93 -6.26
N ILE A 132 -17.66 -17.57 -6.85
CA ILE A 132 -18.84 -17.01 -6.12
C ILE A 132 -19.39 -18.08 -5.16
N GLU A 133 -19.51 -19.32 -5.61
CA GLU A 133 -20.05 -20.45 -4.78
C GLU A 133 -19.07 -20.72 -3.62
N SER A 134 -17.76 -20.69 -3.88
CA SER A 134 -16.68 -20.80 -2.86
C SER A 134 -16.80 -19.66 -1.87
N TRP A 135 -17.04 -18.43 -2.36
CA TRP A 135 -17.13 -17.21 -1.53
C TRP A 135 -18.38 -17.27 -0.65
N LEU A 136 -19.51 -17.66 -1.22
CA LEU A 136 -20.80 -17.86 -0.49
C LEU A 136 -20.62 -18.97 0.55
N ARG A 137 -19.85 -20.01 0.20
CA ARG A 137 -19.53 -21.15 1.10
C ARG A 137 -18.70 -20.63 2.29
N LYS A 138 -17.63 -19.87 2.03
CA LYS A 138 -16.77 -19.21 3.06
C LYS A 138 -17.65 -18.43 4.05
N GLN A 139 -18.65 -17.70 3.56
CA GLN A 139 -19.47 -16.73 4.35
C GLN A 139 -20.28 -17.48 5.42
N ILE A 140 -20.92 -18.59 5.06
CA ILE A 140 -21.86 -19.34 5.95
C ILE A 140 -21.04 -20.19 6.93
N TYR A 141 -19.82 -20.60 6.53
CA TYR A 141 -18.80 -21.24 7.42
C TYR A 141 -18.42 -20.24 8.52
N SER A 142 -18.23 -18.97 8.15
CA SER A 142 -17.64 -17.89 9.00
C SER A 142 -18.43 -17.73 10.30
N VAL A 143 -19.78 -17.80 10.23
CA VAL A 143 -20.68 -17.71 11.43
C VAL A 143 -20.65 -19.05 12.17
N ASP A 144 -19.87 -19.12 13.27
CA ASP A 144 -19.80 -20.22 14.26
C ASP A 144 -18.84 -21.32 13.79
N GLN A 145 -18.38 -21.29 12.54
CA GLN A 145 -17.26 -22.13 12.03
C GLN A 145 -17.56 -23.61 12.25
N THR A 146 -18.78 -24.04 11.89
CA THR A 146 -19.28 -25.44 12.03
C THR A 146 -19.15 -26.17 10.68
N ARG A 147 -18.87 -25.44 9.60
CA ARG A 147 -19.04 -25.90 8.20
C ARG A 147 -20.53 -26.09 7.94
N ARG A 148 -21.31 -25.02 8.12
CA ARG A 148 -22.80 -25.02 8.22
C ARG A 148 -23.41 -25.48 6.89
N ASN A 149 -24.68 -25.89 6.94
CA ASN A 149 -25.46 -26.41 5.78
C ASN A 149 -26.56 -25.39 5.40
N SER A 150 -27.11 -24.66 6.38
CA SER A 150 -28.19 -23.64 6.18
C SER A 150 -27.84 -22.35 6.94
N ILE A 151 -28.70 -21.33 6.81
CA ILE A 151 -28.50 -19.93 7.30
C ILE A 151 -29.80 -19.41 7.91
N SER A 152 -29.74 -18.87 9.14
CA SER A 152 -30.87 -18.20 9.83
C SER A 152 -31.15 -16.84 9.20
N LEU A 153 -32.37 -16.31 9.37
CA LEU A 153 -32.74 -14.93 8.98
C LEU A 153 -31.91 -13.93 9.79
N ARG A 154 -31.67 -14.23 11.07
CA ARG A 154 -30.98 -13.33 12.04
C ARG A 154 -29.47 -13.36 11.76
N GLU A 155 -28.95 -14.45 11.16
CA GLU A 155 -27.51 -14.64 10.85
C GLU A 155 -27.17 -13.99 9.50
N LEU A 156 -28.11 -13.98 8.56
CA LEU A 156 -27.97 -13.28 7.25
C LEU A 156 -27.92 -11.77 7.51
N LYS A 157 -28.75 -11.28 8.44
CA LYS A 157 -28.82 -9.85 8.86
C LYS A 157 -27.53 -9.45 9.57
N THR A 158 -26.82 -10.41 10.18
CA THR A 158 -25.50 -10.23 10.85
C THR A 158 -24.38 -10.25 9.81
N ILE A 159 -24.58 -10.97 8.70
CA ILE A 159 -23.55 -11.18 7.63
C ILE A 159 -23.56 -9.99 6.67
N LEU A 160 -24.73 -9.51 6.25
CA LEU A 160 -24.86 -8.48 5.19
C LEU A 160 -23.95 -7.29 5.50
N PRO A 161 -23.97 -6.70 6.72
CA PRO A 161 -23.07 -5.61 7.06
C PRO A 161 -21.58 -5.99 6.98
N LEU A 162 -21.21 -7.23 7.28
CA LEU A 162 -19.81 -7.74 7.19
C LEU A 162 -19.36 -7.82 5.72
N ILE A 163 -20.29 -8.07 4.78
CA ILE A 163 -19.99 -8.16 3.32
C ILE A 163 -20.32 -6.83 2.65
N ASN A 164 -20.45 -5.77 3.46
CA ASN A 164 -20.40 -4.35 3.04
C ASN A 164 -21.73 -3.95 2.38
N PHE A 165 -22.85 -4.48 2.89
CA PHE A 165 -24.22 -4.10 2.46
C PHE A 165 -25.06 -3.73 3.69
N LYS A 166 -25.73 -2.58 3.64
CA LYS A 166 -26.71 -2.15 4.67
C LYS A 166 -28.10 -2.62 4.24
N VAL A 167 -28.81 -3.31 5.14
CA VAL A 167 -30.20 -3.80 4.92
C VAL A 167 -31.14 -2.60 5.14
N SER A 168 -31.74 -2.09 4.05
CA SER A 168 -32.56 -0.84 4.02
C SER A 168 -33.70 -0.93 5.05
N SER A 169 -34.35 -2.08 5.16
CA SER A 169 -35.49 -2.33 6.10
C SER A 169 -35.65 -3.85 6.36
N ALA A 170 -36.43 -4.20 7.40
CA ALA A 170 -36.77 -5.59 7.76
C ALA A 170 -37.69 -6.20 6.69
N LYS A 171 -38.57 -5.37 6.13
CA LYS A 171 -39.50 -5.72 5.01
C LYS A 171 -38.68 -6.25 3.81
N PHE A 172 -37.57 -5.59 3.49
CA PHE A 172 -36.71 -5.89 2.32
C PHE A 172 -36.30 -7.36 2.33
N LEU A 173 -35.90 -7.88 3.51
CA LEU A 173 -35.46 -9.30 3.67
C LEU A 173 -36.68 -10.23 3.53
N LYS A 174 -37.75 -9.98 4.29
CA LYS A 174 -38.96 -10.84 4.31
C LYS A 174 -39.64 -10.83 2.93
N ASP A 175 -39.78 -9.64 2.31
CA ASP A 175 -40.32 -9.50 0.91
C ASP A 175 -39.45 -10.31 -0.05
N LYS A 176 -38.12 -10.23 0.11
CA LYS A 176 -37.15 -11.11 -0.59
C LYS A 176 -37.46 -12.57 -0.21
N PHE A 177 -37.09 -12.97 1.01
CA PHE A 177 -37.31 -14.32 1.59
C PHE A 177 -38.49 -15.02 0.90
N VAL A 178 -39.68 -14.40 0.93
CA VAL A 178 -40.93 -14.90 0.27
C VAL A 178 -40.63 -15.15 -1.21
N GLU A 179 -40.23 -14.10 -1.92
CA GLU A 179 -39.96 -14.07 -3.39
C GLU A 179 -39.01 -15.22 -3.77
N ILE A 180 -37.95 -15.45 -3.01
CA ILE A 180 -36.99 -16.58 -3.22
C ILE A 180 -37.70 -17.89 -2.85
N GLY A 181 -38.49 -17.86 -1.77
CA GLY A 181 -39.22 -19.03 -1.23
C GLY A 181 -38.82 -19.30 0.20
N ALA A 182 -39.40 -18.54 1.15
CA ALA A 182 -39.08 -18.59 2.60
C ALA A 182 -40.08 -19.47 3.34
N HIS A 183 -40.17 -20.74 2.94
CA HIS A 183 -40.86 -21.84 3.69
C HIS A 183 -40.74 -21.61 5.19
N LYS A 184 -39.52 -21.27 5.67
CA LYS A 184 -39.22 -20.91 7.08
C LYS A 184 -38.26 -19.72 7.10
N ASP A 185 -37.75 -19.37 8.28
CA ASP A 185 -36.67 -18.34 8.47
C ASP A 185 -35.32 -18.94 8.03
N GLU A 186 -35.18 -20.27 8.06
CA GLU A 186 -33.96 -20.99 7.60
C GLU A 186 -33.85 -20.87 6.07
N LEU A 187 -32.63 -20.74 5.55
CA LEU A 187 -32.29 -20.81 4.10
C LEU A 187 -31.19 -21.86 3.91
N SER A 188 -31.44 -22.90 3.11
CA SER A 188 -30.42 -23.85 2.61
C SER A 188 -29.37 -23.09 1.78
N PHE A 189 -28.26 -23.74 1.43
CA PHE A 189 -27.13 -23.13 0.69
C PHE A 189 -27.62 -22.56 -0.65
N GLU A 190 -28.45 -23.32 -1.38
CA GLU A 190 -28.95 -22.93 -2.73
C GLU A 190 -30.09 -21.90 -2.59
N GLN A 191 -30.69 -21.80 -1.40
CA GLN A 191 -31.67 -20.73 -1.07
C GLN A 191 -30.89 -19.41 -0.88
N PHE A 192 -29.72 -19.50 -0.23
CA PHE A 192 -28.77 -18.38 0.02
C PHE A 192 -28.08 -17.96 -1.29
N HIS A 193 -27.59 -18.94 -2.05
CA HIS A 193 -26.99 -18.77 -3.40
C HIS A 193 -27.94 -17.94 -4.27
N LEU A 194 -29.23 -18.28 -4.27
CA LEU A 194 -30.28 -17.62 -5.10
C LEU A 194 -30.53 -16.19 -4.57
N PHE A 195 -30.36 -15.98 -3.27
CA PHE A 195 -30.54 -14.66 -2.60
C PHE A 195 -29.49 -13.67 -3.11
N TYR A 196 -28.22 -14.08 -3.09
CA TYR A 196 -27.07 -13.30 -3.60
C TYR A 196 -27.39 -12.82 -5.03
N LYS A 197 -27.69 -13.76 -5.92
CA LYS A 197 -27.96 -13.52 -7.36
C LYS A 197 -29.11 -12.51 -7.52
N LYS A 198 -30.17 -12.66 -6.72
CA LYS A 198 -31.35 -11.74 -6.76
C LYS A 198 -30.90 -10.37 -6.24
N LEU A 199 -30.14 -10.33 -5.14
CA LEU A 199 -29.64 -9.08 -4.52
C LEU A 199 -28.79 -8.32 -5.54
N MET A 200 -27.78 -8.98 -6.11
CA MET A 200 -26.85 -8.39 -7.11
C MET A 200 -27.65 -7.86 -8.31
N PHE A 201 -28.59 -8.65 -8.85
CA PHE A 201 -29.37 -8.26 -10.05
C PHE A 201 -30.30 -7.08 -9.72
N GLU A 202 -31.08 -7.18 -8.65
CA GLU A 202 -32.09 -6.15 -8.29
C GLU A 202 -31.38 -4.82 -7.99
N GLN A 203 -30.20 -4.88 -7.38
CA GLN A 203 -29.44 -3.68 -6.95
C GLN A 203 -28.82 -2.99 -8.17
N GLN A 204 -28.51 -3.75 -9.23
CA GLN A 204 -27.69 -3.28 -10.38
C GLN A 204 -28.45 -3.38 -11.72
N LYS A 205 -29.74 -3.73 -11.67
CA LYS A 205 -30.60 -4.01 -12.86
C LYS A 205 -30.47 -2.87 -13.90
N SER A 206 -30.44 -1.62 -13.44
CA SER A 206 -30.60 -0.39 -14.28
C SER A 206 -29.53 -0.29 -15.37
N ILE A 207 -28.36 -0.92 -15.17
CA ILE A 207 -27.24 -0.96 -16.14
C ILE A 207 -27.78 -1.39 -17.52
N LEU A 208 -28.83 -2.22 -17.54
CA LEU A 208 -29.38 -2.88 -18.76
C LEU A 208 -29.94 -1.87 -19.76
N ASP A 209 -30.39 -0.69 -19.28
CA ASP A 209 -30.93 0.40 -20.15
C ASP A 209 -29.91 0.80 -21.24
N GLU A 210 -28.65 0.34 -21.12
CA GLU A 210 -27.57 0.58 -22.10
C GLU A 210 -27.52 -0.54 -23.15
N PHE A 211 -28.34 -1.59 -23.00
CA PHE A 211 -28.28 -2.84 -23.82
C PHE A 211 -29.64 -3.15 -24.43
N GLY A 212 -29.72 -4.28 -25.16
CA GLY A 212 -30.85 -4.68 -26.02
C GLY A 212 -32.16 -4.83 -25.26
N SER A 213 -33.28 -4.79 -26.00
CA SER A 213 -34.67 -4.91 -25.49
C SER A 213 -35.21 -6.34 -25.75
N GLY A 214 -34.31 -7.30 -25.99
CA GLY A 214 -34.63 -8.73 -26.09
C GLY A 214 -34.92 -9.34 -24.72
N SER A 215 -35.47 -10.56 -24.72
CA SER A 215 -35.94 -11.21 -23.51
C SER A 215 -34.76 -11.76 -22.67
N ALA A 216 -33.75 -12.31 -23.34
CA ALA A 216 -32.45 -12.75 -22.73
C ALA A 216 -31.33 -12.44 -23.72
N VAL A 217 -30.09 -12.85 -23.41
CA VAL A 217 -28.90 -12.63 -24.30
C VAL A 217 -28.51 -13.97 -24.91
N TYR A 218 -28.87 -14.17 -26.18
CA TYR A 218 -28.72 -15.45 -26.91
C TYR A 218 -27.34 -15.46 -27.60
N LEU A 219 -26.90 -16.67 -27.97
CA LEU A 219 -25.58 -16.94 -28.61
C LEU A 219 -25.22 -15.80 -29.57
N HIS A 220 -26.13 -15.44 -30.48
CA HIS A 220 -25.93 -14.41 -31.54
C HIS A 220 -25.77 -13.02 -30.91
N ASP A 221 -26.65 -12.63 -29.98
CA ASP A 221 -26.63 -11.32 -29.29
C ASP A 221 -25.24 -11.08 -28.67
N PHE A 222 -24.65 -12.12 -28.07
CA PHE A 222 -23.39 -12.10 -27.28
C PHE A 222 -22.17 -11.99 -28.20
N GLN A 223 -22.18 -12.71 -29.32
CA GLN A 223 -21.11 -12.69 -30.36
C GLN A 223 -20.98 -11.26 -30.91
N ARG A 224 -22.12 -10.62 -31.19
CA ARG A 224 -22.18 -9.23 -31.70
C ARG A 224 -21.53 -8.31 -30.65
N PHE A 225 -21.92 -8.48 -29.39
CA PHE A 225 -21.41 -7.73 -28.22
C PHE A 225 -19.87 -7.86 -28.18
N LEU A 226 -19.34 -9.08 -28.30
CA LEU A 226 -17.88 -9.33 -28.26
C LEU A 226 -17.18 -8.68 -29.48
N ILE A 227 -17.79 -8.78 -30.66
CA ILE A 227 -17.17 -8.33 -31.95
C ILE A 227 -17.18 -6.80 -32.02
N HIS A 228 -18.34 -6.18 -31.81
CA HIS A 228 -18.59 -4.76 -32.16
C HIS A 228 -18.30 -3.83 -30.99
N GLU A 229 -18.77 -4.15 -29.79
CA GLU A 229 -18.68 -3.28 -28.58
C GLU A 229 -17.41 -3.60 -27.78
N GLN A 230 -16.96 -4.86 -27.77
CA GLN A 230 -15.74 -5.30 -27.05
C GLN A 230 -14.52 -5.31 -27.99
N GLN A 231 -14.75 -5.25 -29.31
CA GLN A 231 -13.70 -5.23 -30.36
C GLN A 231 -12.82 -6.50 -30.26
N GLU A 232 -13.41 -7.62 -29.85
CA GLU A 232 -12.73 -8.94 -29.79
C GLU A 232 -12.93 -9.65 -31.15
N HIS A 233 -11.90 -9.67 -32.00
CA HIS A 233 -12.01 -10.14 -33.40
C HIS A 233 -11.82 -11.66 -33.49
N TRP A 234 -11.47 -12.32 -32.38
CA TRP A 234 -11.52 -13.80 -32.26
C TRP A 234 -12.99 -14.27 -32.26
N ALA A 235 -13.92 -13.40 -31.85
CA ALA A 235 -15.36 -13.69 -31.67
C ALA A 235 -16.06 -13.86 -33.03
N GLN A 236 -15.34 -13.68 -34.13
CA GLN A 236 -15.78 -14.07 -35.50
C GLN A 236 -16.06 -15.58 -35.51
N ASP A 237 -15.09 -16.36 -35.01
CA ASP A 237 -15.14 -17.83 -34.82
C ASP A 237 -16.25 -18.19 -33.82
N LEU A 238 -17.47 -18.38 -34.31
CA LEU A 238 -18.73 -18.46 -33.50
C LEU A 238 -18.65 -19.59 -32.46
N ASN A 239 -17.81 -20.60 -32.68
CA ASN A 239 -17.69 -21.79 -31.79
C ASN A 239 -16.94 -21.37 -30.51
N LYS A 240 -16.04 -20.39 -30.61
CA LYS A 240 -15.28 -19.85 -29.44
C LYS A 240 -16.23 -19.08 -28.52
N VAL A 241 -17.21 -18.37 -29.11
CA VAL A 241 -18.21 -17.53 -28.39
C VAL A 241 -19.15 -18.41 -27.57
N ARG A 242 -19.59 -19.56 -28.12
CA ARG A 242 -20.50 -20.52 -27.44
C ARG A 242 -19.74 -21.19 -26.28
N GLU A 243 -18.42 -21.40 -26.43
CA GLU A 243 -17.57 -22.03 -25.38
C GLU A 243 -17.47 -21.10 -24.17
N ARG A 244 -17.08 -19.84 -24.41
CA ARG A 244 -17.01 -18.79 -23.37
C ARG A 244 -18.28 -18.79 -22.53
N MET A 245 -19.45 -18.71 -23.18
CA MET A 245 -20.78 -18.80 -22.52
C MET A 245 -20.83 -20.01 -21.59
N THR A 246 -20.65 -21.22 -22.14
CA THR A 246 -20.81 -22.51 -21.39
C THR A 246 -19.80 -22.58 -20.25
N LYS A 247 -18.53 -22.24 -20.50
CA LYS A 247 -17.45 -22.27 -19.48
C LYS A 247 -17.85 -21.34 -18.31
N PHE A 248 -18.49 -20.21 -18.62
CA PHE A 248 -19.03 -19.25 -17.63
C PHE A 248 -20.23 -19.88 -16.90
N ILE A 249 -21.30 -20.25 -17.63
CA ILE A 249 -22.59 -20.75 -17.07
C ILE A 249 -22.33 -21.97 -16.18
N ASP A 250 -21.93 -23.09 -16.80
CA ASP A 250 -21.67 -24.40 -16.14
C ASP A 250 -23.01 -25.04 -15.71
N ASP A 251 -23.97 -25.12 -16.64
CA ASP A 251 -25.30 -25.75 -16.45
C ASP A 251 -25.50 -26.81 -17.54
N THR A 252 -25.59 -28.09 -17.16
CA THR A 252 -25.63 -29.27 -18.06
C THR A 252 -26.91 -29.25 -18.91
N MET A 253 -28.06 -28.91 -18.31
CA MET A 253 -29.40 -28.93 -18.96
C MET A 253 -29.50 -27.82 -20.02
N ARG A 254 -28.86 -26.67 -19.78
CA ARG A 254 -28.82 -25.51 -20.72
C ARG A 254 -27.63 -25.64 -21.68
N GLU A 255 -26.62 -26.43 -21.29
CA GLU A 255 -25.42 -26.74 -22.12
C GLU A 255 -25.87 -27.33 -23.46
N THR A 256 -26.96 -28.10 -23.43
CA THR A 256 -27.64 -28.70 -24.62
C THR A 256 -27.81 -27.64 -25.72
N ALA A 257 -27.45 -28.00 -26.96
CA ALA A 257 -27.71 -27.24 -28.20
C ALA A 257 -27.05 -25.85 -28.13
N GLU A 258 -27.83 -24.77 -28.09
CA GLU A 258 -27.35 -23.37 -28.18
C GLU A 258 -27.42 -22.72 -26.80
N PRO A 259 -26.29 -22.20 -26.26
CA PRO A 259 -26.30 -21.56 -24.95
C PRO A 259 -26.90 -20.15 -25.04
N PHE A 260 -27.58 -19.74 -23.97
CA PHE A 260 -28.08 -18.36 -23.74
C PHE A 260 -27.83 -18.02 -22.27
N LEU A 261 -27.48 -16.75 -21.99
CA LEU A 261 -27.36 -16.23 -20.61
C LEU A 261 -28.68 -15.53 -20.26
N PHE A 262 -29.16 -15.72 -19.03
CA PHE A 262 -30.20 -14.85 -18.43
C PHE A 262 -29.55 -13.50 -18.15
N VAL A 263 -30.31 -12.41 -18.29
CA VAL A 263 -29.80 -11.01 -18.31
C VAL A 263 -28.99 -10.75 -17.01
N ASP A 264 -29.36 -11.40 -15.89
CA ASP A 264 -28.63 -11.30 -14.59
C ASP A 264 -27.29 -12.05 -14.68
N GLU A 265 -27.20 -13.10 -15.50
CA GLU A 265 -25.93 -13.85 -15.75
C GLU A 265 -25.03 -13.01 -16.65
N PHE A 266 -25.62 -12.16 -17.50
CA PHE A 266 -24.89 -11.24 -18.41
C PHE A 266 -24.23 -10.15 -17.58
N LEU A 267 -24.95 -9.55 -16.63
CA LEU A 267 -24.42 -8.53 -15.69
C LEU A 267 -23.21 -9.12 -14.96
N THR A 268 -23.36 -10.34 -14.41
CA THR A 268 -22.27 -11.05 -13.69
C THR A 268 -21.05 -11.18 -14.60
N TYR A 269 -21.24 -11.52 -15.88
CA TYR A 269 -20.13 -11.67 -16.86
C TYR A 269 -19.41 -10.32 -17.00
N LEU A 270 -20.17 -9.22 -17.07
CA LEU A 270 -19.63 -7.85 -17.24
C LEU A 270 -18.74 -7.47 -16.05
N PHE A 271 -19.06 -7.93 -14.84
CA PHE A 271 -18.29 -7.63 -13.59
C PHE A 271 -17.17 -8.66 -13.39
N SER A 272 -17.08 -9.68 -14.26
CA SER A 272 -16.23 -10.88 -14.04
C SER A 272 -14.83 -10.69 -14.64
N ARG A 273 -13.86 -11.44 -14.10
CA ARG A 273 -12.47 -11.61 -14.61
C ARG A 273 -12.44 -11.81 -16.12
N GLU A 274 -13.29 -12.71 -16.62
CA GLU A 274 -13.37 -13.10 -18.04
C GLU A 274 -13.50 -11.85 -18.91
N ASN A 275 -14.15 -10.80 -18.39
CA ASN A 275 -14.44 -9.53 -19.12
C ASN A 275 -13.50 -8.41 -18.67
N SER A 276 -12.27 -8.74 -18.26
CA SER A 276 -11.24 -7.79 -17.75
C SER A 276 -10.85 -6.79 -18.84
N ILE A 277 -10.59 -5.55 -18.43
CA ILE A 277 -10.11 -4.43 -19.27
C ILE A 277 -8.69 -4.74 -19.77
N TRP A 278 -7.97 -5.59 -19.03
CA TRP A 278 -6.56 -5.97 -19.29
C TRP A 278 -6.43 -6.84 -20.54
N ASP A 279 -5.52 -6.46 -21.44
CA ASP A 279 -5.18 -7.22 -22.69
C ASP A 279 -4.12 -8.27 -22.36
N GLU A 280 -4.43 -9.55 -22.58
CA GLU A 280 -3.66 -10.72 -22.08
C GLU A 280 -2.36 -10.90 -22.88
N LYS A 281 -2.28 -10.39 -24.11
CA LYS A 281 -1.07 -10.57 -24.98
C LYS A 281 0.15 -9.96 -24.28
N TYR A 282 -0.05 -9.01 -23.38
CA TYR A 282 1.03 -8.36 -22.59
C TYR A 282 1.39 -9.20 -21.36
N ASP A 283 0.75 -10.36 -21.15
CA ASP A 283 1.07 -11.29 -20.03
C ASP A 283 2.26 -12.17 -20.38
N ALA A 284 2.65 -12.26 -21.66
CA ALA A 284 3.78 -13.09 -22.14
C ALA A 284 4.96 -12.19 -22.51
N VAL A 285 6.19 -12.69 -22.35
CA VAL A 285 7.43 -12.00 -22.84
C VAL A 285 7.32 -11.89 -24.35
N ASP A 286 7.95 -10.84 -24.91
CA ASP A 286 8.20 -10.70 -26.38
C ASP A 286 9.72 -10.58 -26.57
N MET A 287 10.38 -11.68 -26.96
CA MET A 287 11.85 -11.76 -27.12
C MET A 287 12.32 -10.82 -28.23
N GLN A 288 11.43 -10.32 -29.10
CA GLN A 288 11.78 -9.32 -30.13
C GLN A 288 12.00 -7.94 -29.48
N ASP A 289 11.59 -7.76 -28.22
CA ASP A 289 11.83 -6.52 -27.45
C ASP A 289 12.96 -6.72 -26.44
N MET A 290 13.75 -7.80 -26.54
CA MET A 290 14.76 -8.19 -25.53
C MET A 290 16.17 -8.24 -26.13
N ASN A 291 16.37 -7.69 -27.32
CA ASN A 291 17.68 -7.73 -28.03
C ASN A 291 18.32 -6.33 -28.09
N ASN A 292 17.75 -5.34 -27.41
CA ASN A 292 18.29 -3.96 -27.33
C ASN A 292 19.36 -3.91 -26.24
N PRO A 293 20.29 -2.94 -26.27
CA PRO A 293 21.24 -2.75 -25.19
C PRO A 293 20.49 -2.53 -23.86
N LEU A 294 21.09 -2.97 -22.76
CA LEU A 294 20.52 -2.90 -21.38
C LEU A 294 20.12 -1.47 -21.04
N SER A 295 20.82 -0.48 -21.60
CA SER A 295 20.60 0.96 -21.36
C SER A 295 19.25 1.45 -21.91
N HIS A 296 18.59 0.66 -22.77
CA HIS A 296 17.28 0.99 -23.41
C HIS A 296 16.09 0.42 -22.62
N TYR A 297 16.31 -0.16 -21.43
CA TYR A 297 15.26 -0.84 -20.64
C TYR A 297 14.99 -0.11 -19.32
N TRP A 298 13.72 0.01 -18.95
CA TRP A 298 13.26 0.22 -17.56
C TRP A 298 13.40 -1.10 -16.82
N ILE A 299 14.11 -1.11 -15.71
CA ILE A 299 14.48 -2.35 -14.97
C ILE A 299 13.84 -2.24 -13.58
N SER A 300 12.93 -3.17 -13.25
CA SER A 300 12.24 -3.21 -11.94
C SER A 300 13.30 -3.25 -10.83
N SER A 301 13.35 -2.20 -10.01
CA SER A 301 14.46 -1.92 -9.06
C SER A 301 13.90 -1.68 -7.66
N SER A 302 14.47 -2.37 -6.66
CA SER A 302 14.14 -2.24 -5.22
C SER A 302 15.22 -1.42 -4.50
N HIS A 303 14.82 -0.62 -3.51
CA HIS A 303 15.71 0.11 -2.57
C HIS A 303 15.71 -0.58 -1.21
N ASN A 304 16.90 -0.76 -0.62
CA ASN A 304 17.14 -1.41 0.70
C ASN A 304 16.20 -2.61 0.82
N THR A 305 16.36 -3.54 -0.13
CA THR A 305 15.46 -4.71 -0.37
C THR A 305 15.27 -5.52 0.92
N TYR A 306 16.28 -5.56 1.78
CA TYR A 306 16.30 -6.35 3.05
C TYR A 306 15.14 -5.96 3.96
N LEU A 307 14.74 -4.69 3.99
CA LEU A 307 13.73 -4.13 4.93
C LEU A 307 12.31 -4.54 4.52
N THR A 308 11.46 -4.80 5.53
CA THR A 308 10.02 -5.15 5.38
C THR A 308 9.14 -3.99 5.85
N GLY A 309 9.71 -2.92 6.41
CA GLY A 309 8.95 -1.80 6.99
C GLY A 309 9.68 -0.49 6.91
N ASP A 310 9.63 0.31 7.98
CA ASP A 310 10.29 1.64 8.04
C ASP A 310 11.81 1.42 7.96
N GLN A 311 12.58 2.52 7.86
CA GLN A 311 14.05 2.48 7.68
C GLN A 311 14.74 2.53 9.05
N LEU A 312 13.99 2.52 10.15
CA LEU A 312 14.49 2.84 11.52
C LEU A 312 14.56 1.60 12.43
N ARG A 313 13.49 0.79 12.49
CA ARG A 313 13.37 -0.32 13.47
C ARG A 313 12.64 -1.55 12.90
N SER A 314 12.37 -1.59 11.59
CA SER A 314 11.61 -2.70 10.95
C SER A 314 12.53 -3.91 10.76
N GLU A 315 11.93 -5.09 10.57
CA GLU A 315 12.66 -6.38 10.41
C GLU A 315 13.30 -6.46 9.02
N SER A 316 14.61 -6.74 8.98
CA SER A 316 15.34 -7.25 7.80
C SER A 316 15.06 -8.75 7.66
N SER A 317 14.87 -9.24 6.43
CA SER A 317 14.60 -10.67 6.14
C SER A 317 15.13 -11.04 4.76
N PRO A 318 15.71 -12.25 4.61
CA PRO A 318 15.98 -12.79 3.27
C PRO A 318 14.71 -12.95 2.43
N GLU A 319 13.55 -13.12 3.10
CA GLU A 319 12.21 -13.27 2.46
C GLU A 319 11.85 -12.04 1.62
N ALA A 320 12.40 -10.87 1.97
CA ALA A 320 12.18 -9.59 1.26
C ALA A 320 12.84 -9.67 -0.12
N TYR A 321 14.06 -10.23 -0.17
CA TYR A 321 14.81 -10.51 -1.41
C TYR A 321 14.04 -11.53 -2.26
N ILE A 322 13.53 -12.58 -1.62
CA ILE A 322 12.79 -13.68 -2.30
C ILE A 322 11.51 -13.10 -2.91
N ARG A 323 10.70 -12.44 -2.09
CA ARG A 323 9.40 -11.81 -2.49
C ARG A 323 9.61 -10.90 -3.71
N CYS A 324 10.61 -10.01 -3.66
CA CYS A 324 10.90 -9.04 -4.74
C CYS A 324 11.33 -9.80 -6.00
N LEU A 325 12.31 -10.70 -5.88
CA LEU A 325 12.86 -11.48 -7.01
C LEU A 325 11.74 -12.26 -7.70
N ARG A 326 10.78 -12.83 -6.96
CA ARG A 326 9.70 -13.68 -7.51
C ARG A 326 8.60 -12.83 -8.13
N MET A 327 8.55 -11.53 -7.82
CA MET A 327 7.70 -10.52 -8.52
C MET A 327 8.35 -10.15 -9.86
N GLY A 328 9.61 -10.52 -10.04
CA GLY A 328 10.40 -10.20 -11.25
C GLY A 328 11.27 -8.96 -11.07
N CYS A 329 11.40 -8.43 -9.85
CA CYS A 329 12.39 -7.39 -9.49
C CYS A 329 13.79 -7.89 -9.91
N ARG A 330 14.54 -7.04 -10.62
CA ARG A 330 15.82 -7.40 -11.30
C ARG A 330 16.98 -6.60 -10.73
N CYS A 331 16.73 -5.53 -9.97
CA CYS A 331 17.78 -4.73 -9.30
C CYS A 331 17.46 -4.65 -7.81
N ILE A 332 18.27 -5.33 -7.00
CA ILE A 332 18.06 -5.45 -5.52
C ILE A 332 19.31 -4.88 -4.82
N GLU A 333 19.16 -4.41 -3.57
CA GLU A 333 20.19 -3.65 -2.82
C GLU A 333 20.63 -4.46 -1.60
N LEU A 334 21.96 -4.60 -1.41
CA LEU A 334 22.60 -5.19 -0.20
C LEU A 334 23.45 -4.12 0.47
N ASP A 335 23.03 -3.64 1.65
CA ASP A 335 23.82 -2.75 2.53
C ASP A 335 24.70 -3.63 3.42
N CYS A 336 26.00 -3.71 3.11
CA CYS A 336 26.94 -4.72 3.67
C CYS A 336 27.84 -4.06 4.73
N TRP A 337 27.64 -4.48 5.99
CA TRP A 337 28.36 -3.98 7.20
C TRP A 337 29.14 -5.12 7.83
N ASP A 338 30.30 -4.79 8.42
CA ASP A 338 31.21 -5.73 9.14
C ASP A 338 30.39 -6.57 10.13
N GLY A 339 30.34 -7.90 9.95
CA GLY A 339 29.72 -8.84 10.89
C GLY A 339 30.62 -9.11 12.09
N PRO A 340 30.14 -9.87 13.09
CA PRO A 340 30.94 -10.17 14.28
C PRO A 340 32.06 -11.19 14.03
N ASP A 341 31.85 -12.12 13.08
CA ASP A 341 32.75 -13.29 12.82
C ASP A 341 33.39 -13.14 11.44
N GLY A 342 33.76 -11.91 11.05
CA GLY A 342 34.43 -11.62 9.78
C GLY A 342 33.56 -11.91 8.55
N LYS A 343 32.27 -12.20 8.74
CA LYS A 343 31.27 -12.41 7.66
C LYS A 343 30.27 -11.26 7.70
N PRO A 344 30.03 -10.54 6.57
CA PRO A 344 29.19 -9.33 6.60
C PRO A 344 27.75 -9.57 7.06
N VAL A 345 27.17 -8.56 7.74
CA VAL A 345 25.74 -8.50 8.12
C VAL A 345 25.07 -7.44 7.24
N ILE A 346 23.76 -7.58 7.01
CA ILE A 346 22.95 -6.61 6.22
C ILE A 346 21.83 -6.06 7.11
N TYR A 347 21.77 -4.73 7.20
CA TYR A 347 20.74 -3.93 7.91
C TYR A 347 20.92 -2.47 7.47
N HIS A 348 20.09 -1.56 7.99
CA HIS A 348 20.25 -0.10 7.76
C HIS A 348 21.17 0.47 8.84
N GLY A 349 22.40 0.85 8.46
CA GLY A 349 23.47 1.29 9.38
C GLY A 349 22.97 2.28 10.44
N TRP A 350 23.35 2.05 11.70
CA TRP A 350 23.18 2.99 12.84
C TRP A 350 21.73 2.99 13.35
N THR A 351 20.85 2.18 12.76
CA THR A 351 19.41 2.15 13.10
C THR A 351 19.13 0.87 13.89
N ARG A 352 17.88 0.71 14.36
CA ARG A 352 17.42 -0.47 15.15
C ARG A 352 16.81 -1.52 14.22
N THR A 353 16.98 -1.39 12.90
CA THR A 353 16.57 -2.41 11.89
C THR A 353 17.34 -3.70 12.19
N THR A 354 16.66 -4.84 12.26
CA THR A 354 17.27 -6.15 12.64
C THR A 354 18.36 -6.50 11.62
N LYS A 355 19.36 -7.26 12.04
CA LYS A 355 20.51 -7.67 11.18
C LYS A 355 20.22 -9.07 10.66
N ILE A 356 20.56 -9.32 9.39
CA ILE A 356 20.54 -10.68 8.76
C ILE A 356 21.92 -10.92 8.18
N LYS A 357 22.24 -12.20 7.92
CA LYS A 357 23.58 -12.67 7.47
C LYS A 357 23.66 -12.55 5.94
N PHE A 358 24.75 -11.95 5.45
CA PHE A 358 25.10 -11.88 4.00
C PHE A 358 24.98 -13.26 3.35
N ASP A 359 25.43 -14.32 4.03
CA ASP A 359 25.47 -15.72 3.49
C ASP A 359 24.04 -16.21 3.21
N ASP A 360 23.06 -15.82 4.02
CA ASP A 360 21.65 -16.26 3.86
C ASP A 360 21.02 -15.52 2.67
N VAL A 361 21.38 -14.24 2.49
CA VAL A 361 20.88 -13.39 1.37
C VAL A 361 21.44 -13.93 0.05
N VAL A 362 22.74 -14.26 0.00
CA VAL A 362 23.43 -14.79 -1.22
C VAL A 362 22.72 -16.08 -1.65
N GLN A 363 22.48 -17.01 -0.71
CA GLN A 363 21.75 -18.28 -0.96
C GLN A 363 20.37 -17.95 -1.51
N ALA A 364 19.61 -17.11 -0.79
CA ALA A 364 18.23 -16.70 -1.15
C ALA A 364 18.20 -16.20 -2.60
N ILE A 365 19.11 -15.28 -2.96
CA ILE A 365 19.25 -14.74 -4.34
C ILE A 365 19.45 -15.91 -5.31
N LYS A 366 20.35 -16.83 -4.98
CA LYS A 366 20.72 -17.98 -5.86
C LYS A 366 19.47 -18.83 -6.13
N ASP A 367 18.68 -19.14 -5.09
CA ASP A 367 17.53 -20.07 -5.18
C ASP A 367 16.36 -19.44 -5.94
N HIS A 368 16.27 -18.11 -5.98
CA HIS A 368 15.03 -17.37 -6.35
C HIS A 368 15.24 -16.37 -7.50
N ALA A 369 16.49 -16.00 -7.84
CA ALA A 369 16.81 -14.96 -8.84
C ALA A 369 16.07 -15.22 -10.16
N PHE A 370 16.05 -16.48 -10.63
CA PHE A 370 15.69 -16.85 -12.01
C PHE A 370 14.57 -17.91 -12.04
N VAL A 371 13.66 -17.90 -11.06
CA VAL A 371 12.47 -18.81 -11.03
C VAL A 371 11.37 -18.24 -11.95
N THR A 372 10.83 -17.06 -11.63
CA THR A 372 9.67 -16.44 -12.34
C THR A 372 10.17 -15.56 -13.50
N SER A 373 11.46 -15.21 -13.54
CA SER A 373 12.09 -14.40 -14.61
C SER A 373 13.52 -14.89 -14.88
N SER A 374 13.88 -15.05 -16.14
CA SER A 374 15.19 -15.61 -16.60
C SER A 374 16.22 -14.49 -16.80
N PHE A 375 15.82 -13.23 -16.70
CA PHE A 375 16.61 -12.06 -17.19
C PHE A 375 17.53 -11.55 -16.09
N PRO A 376 18.63 -10.85 -16.44
CA PRO A 376 19.72 -10.61 -15.51
C PRO A 376 19.33 -9.81 -14.25
N VAL A 377 19.86 -10.25 -13.10
CA VAL A 377 19.65 -9.59 -11.78
C VAL A 377 20.89 -8.74 -11.46
N ILE A 378 20.67 -7.49 -11.03
CA ILE A 378 21.74 -6.53 -10.65
C ILE A 378 21.71 -6.39 -9.13
N LEU A 379 22.83 -6.68 -8.47
CA LEU A 379 23.04 -6.51 -7.02
C LEU A 379 23.74 -5.17 -6.79
N SER A 380 23.02 -4.18 -6.29
CA SER A 380 23.59 -2.85 -5.92
C SER A 380 24.18 -2.97 -4.52
N ILE A 381 25.50 -3.06 -4.42
CA ILE A 381 26.23 -3.24 -3.13
C ILE A 381 26.64 -1.87 -2.60
N GLU A 382 26.10 -1.47 -1.44
CA GLU A 382 26.56 -0.32 -0.64
C GLU A 382 27.60 -0.84 0.37
N GLU A 383 28.87 -0.49 0.19
CA GLU A 383 30.01 -1.15 0.88
C GLU A 383 30.45 -0.37 2.11
N HIS A 384 30.35 -0.98 3.29
CA HIS A 384 30.89 -0.47 4.58
C HIS A 384 31.83 -1.50 5.23
N CYS A 385 32.07 -2.64 4.58
CA CYS A 385 32.85 -3.78 5.13
C CYS A 385 34.35 -3.51 5.00
N SER A 386 35.15 -4.24 5.80
CA SER A 386 36.63 -4.28 5.74
C SER A 386 37.07 -5.01 4.47
N VAL A 387 38.35 -4.88 4.11
CA VAL A 387 38.98 -5.59 2.96
C VAL A 387 38.80 -7.10 3.14
N GLU A 388 39.02 -7.61 4.35
CA GLU A 388 38.95 -9.06 4.63
C GLU A 388 37.49 -9.53 4.51
N GLN A 389 36.54 -8.78 5.05
CA GLN A 389 35.10 -9.13 4.97
C GLN A 389 34.65 -9.04 3.50
N GLN A 390 35.21 -8.11 2.73
CA GLN A 390 35.01 -7.98 1.27
C GLN A 390 35.52 -9.23 0.54
N ARG A 391 36.57 -9.87 1.05
CA ARG A 391 37.16 -11.12 0.48
C ARG A 391 36.17 -12.28 0.67
N HIS A 392 35.52 -12.35 1.83
CA HIS A 392 34.45 -13.36 2.09
C HIS A 392 33.34 -13.20 1.06
N MET A 393 32.99 -11.95 0.73
CA MET A 393 31.89 -11.62 -0.21
C MET A 393 32.27 -12.08 -1.63
N ALA A 394 33.48 -11.70 -2.07
CA ALA A 394 34.06 -12.08 -3.37
C ALA A 394 34.09 -13.61 -3.51
N LYS A 395 34.48 -14.33 -2.45
CA LYS A 395 34.55 -15.81 -2.43
C LYS A 395 33.13 -16.39 -2.48
N ALA A 396 32.27 -15.95 -1.56
CA ALA A 396 30.87 -16.42 -1.40
C ALA A 396 30.07 -16.24 -2.70
N PHE A 397 30.22 -15.10 -3.39
CA PHE A 397 29.56 -14.86 -4.70
C PHE A 397 30.00 -15.96 -5.68
N LYS A 398 31.30 -16.03 -5.98
CA LYS A 398 31.90 -17.01 -6.93
C LYS A 398 31.42 -18.43 -6.60
N GLU A 399 31.48 -18.82 -5.34
CA GLU A 399 31.25 -20.22 -4.89
C GLU A 399 29.76 -20.56 -4.98
N VAL A 400 28.88 -19.70 -4.45
CA VAL A 400 27.42 -20.01 -4.34
C VAL A 400 26.75 -19.82 -5.70
N PHE A 401 27.10 -18.77 -6.45
CA PHE A 401 26.46 -18.38 -7.73
C PHE A 401 27.03 -19.21 -8.90
N GLY A 402 28.32 -19.54 -8.83
CA GLY A 402 29.04 -20.30 -9.87
C GLY A 402 28.92 -19.64 -11.23
N ASP A 403 28.29 -20.33 -12.19
CA ASP A 403 28.16 -19.89 -13.60
C ASP A 403 27.19 -18.71 -13.72
N LEU A 404 26.24 -18.57 -12.78
CA LEU A 404 25.28 -17.43 -12.75
C LEU A 404 26.04 -16.10 -12.61
N LEU A 405 27.16 -16.07 -11.90
CA LEU A 405 27.97 -14.84 -11.67
C LEU A 405 28.64 -14.41 -12.97
N LEU A 406 28.30 -13.22 -13.48
CA LEU A 406 29.03 -12.58 -14.61
C LEU A 406 30.43 -12.21 -14.12
N THR A 407 31.45 -12.90 -14.65
CA THR A 407 32.88 -12.80 -14.22
C THR A 407 33.71 -12.13 -15.33
N LYS A 408 33.20 -12.05 -16.56
CA LYS A 408 33.88 -11.37 -17.70
C LYS A 408 32.82 -10.75 -18.61
N PRO A 409 33.19 -9.72 -19.42
CA PRO A 409 32.27 -9.16 -20.42
C PRO A 409 31.74 -10.20 -21.43
N THR A 410 30.50 -10.00 -21.90
CA THR A 410 29.82 -10.87 -22.90
C THR A 410 30.57 -10.80 -24.23
N GLU A 411 31.02 -9.60 -24.61
CA GLU A 411 31.83 -9.34 -25.82
C GLU A 411 32.99 -8.40 -25.43
N ALA A 412 34.20 -8.70 -25.92
CA ALA A 412 35.47 -8.03 -25.55
C ALA A 412 35.58 -6.65 -26.22
N SER A 413 35.13 -6.54 -27.48
CA SER A 413 35.30 -5.34 -28.34
C SER A 413 34.02 -4.51 -28.40
N ALA A 414 33.22 -4.52 -27.32
CA ALA A 414 31.87 -3.91 -27.26
C ALA A 414 32.00 -2.39 -27.11
N ASP A 415 31.00 -1.66 -27.61
CA ASP A 415 30.90 -0.17 -27.52
C ASP A 415 29.54 0.22 -26.90
N GLN A 416 28.68 -0.77 -26.63
CA GLN A 416 27.40 -0.62 -25.89
C GLN A 416 27.18 -1.88 -25.03
N LEU A 417 26.26 -1.80 -24.08
CA LEU A 417 25.93 -2.92 -23.15
C LEU A 417 25.29 -4.06 -23.93
N PRO A 418 25.38 -5.32 -23.43
CA PRO A 418 24.64 -6.44 -24.02
C PRO A 418 23.14 -6.32 -23.73
N SER A 419 22.34 -7.16 -24.38
CA SER A 419 20.86 -7.21 -24.25
C SER A 419 20.48 -8.01 -23.02
N PRO A 420 19.24 -7.85 -22.51
CA PRO A 420 18.70 -8.76 -21.50
C PRO A 420 18.78 -10.23 -21.96
N SER A 421 18.46 -10.50 -23.23
CA SER A 421 18.56 -11.85 -23.85
C SER A 421 19.96 -12.41 -23.60
N GLN A 422 20.99 -11.64 -23.95
CA GLN A 422 22.41 -12.09 -23.92
C GLN A 422 22.83 -12.37 -22.47
N LEU A 423 22.16 -11.75 -21.49
CA LEU A 423 22.58 -11.77 -20.06
C LEU A 423 21.60 -12.61 -19.23
N ARG A 424 20.82 -13.48 -19.87
CA ARG A 424 19.87 -14.37 -19.16
C ARG A 424 20.64 -15.24 -18.16
N GLU A 425 20.06 -15.40 -16.96
CA GLU A 425 20.59 -16.21 -15.84
C GLU A 425 22.00 -15.72 -15.51
N LYS A 426 22.20 -14.40 -15.49
CA LYS A 426 23.46 -13.74 -15.06
C LYS A 426 23.16 -12.78 -13.91
N ILE A 427 23.97 -12.83 -12.85
CA ILE A 427 23.92 -11.96 -11.64
C ILE A 427 25.06 -10.94 -11.77
N ILE A 428 24.75 -9.65 -11.87
CA ILE A 428 25.74 -8.57 -12.16
C ILE A 428 26.04 -7.83 -10.85
N ILE A 429 27.32 -7.69 -10.53
CA ILE A 429 27.81 -7.00 -9.30
C ILE A 429 28.02 -5.52 -9.63
N LYS A 430 27.20 -4.66 -9.03
CA LYS A 430 27.45 -3.20 -8.96
C LYS A 430 28.15 -2.94 -7.62
N HIS A 431 29.37 -2.43 -7.67
CA HIS A 431 30.25 -2.19 -6.50
C HIS A 431 31.40 -1.27 -6.92
N LYS A 432 31.85 -0.39 -6.02
CA LYS A 432 33.04 0.46 -6.26
C LYS A 432 34.17 -0.43 -6.78
N LYS A 433 34.79 -0.03 -7.89
CA LYS A 433 35.89 -0.77 -8.57
C LYS A 433 37.20 0.01 -8.39
N LEU A 434 38.29 -0.69 -8.07
CA LEU A 434 39.66 -0.10 -7.96
C LEU A 434 40.10 0.38 -9.35
N GLY A 435 40.77 1.54 -9.40
CA GLY A 435 41.37 2.10 -10.62
C GLY A 435 42.58 1.28 -11.07
N PRO A 436 42.89 1.24 -12.39
CA PRO A 436 44.07 0.52 -12.90
C PRO A 436 45.35 1.35 -12.81
N HIS A 451 28.12 8.15 11.68
CA HIS A 451 28.16 7.62 13.07
C HIS A 451 27.08 8.31 13.91
N LYS A 452 25.92 8.58 13.29
CA LYS A 452 24.78 9.38 13.82
C LYS A 452 24.27 8.77 15.13
N GLN A 453 24.11 9.58 16.19
CA GLN A 453 23.47 9.17 17.47
C GLN A 453 21.95 9.07 17.25
N GLN A 454 21.37 7.88 17.44
CA GLN A 454 19.92 7.63 17.24
C GLN A 454 19.49 6.32 17.91
N GLY A 455 18.18 6.14 18.08
CA GLY A 455 17.58 4.95 18.72
C GLY A 455 16.24 5.31 19.35
N GLU A 456 15.65 4.38 20.12
CA GLU A 456 14.36 4.58 20.82
C GLU A 456 14.61 5.22 22.18
N LEU A 457 13.82 6.25 22.51
CA LEU A 457 13.76 6.93 23.83
C LEU A 457 12.30 7.02 24.26
N TYR A 458 12.03 6.97 25.57
CA TYR A 458 10.69 7.22 26.14
C TYR A 458 10.54 8.71 26.37
N MET A 459 9.35 9.24 26.07
CA MET A 459 8.97 10.64 26.36
C MET A 459 7.76 10.61 27.29
N TRP A 460 7.66 11.61 28.17
CA TRP A 460 6.61 11.73 29.22
C TRP A 460 5.50 12.66 28.75
N ASP A 461 4.25 12.22 28.90
CA ASP A 461 3.04 13.05 28.68
C ASP A 461 2.45 13.39 30.04
N SER A 462 2.44 14.67 30.43
CA SER A 462 1.86 15.17 31.70
C SER A 462 0.33 15.04 31.69
N ILE A 463 -0.30 15.04 30.51
CA ILE A 463 -1.79 14.97 30.34
C ILE A 463 -2.23 13.53 30.67
N ASP A 464 -1.65 12.57 29.96
CA ASP A 464 -1.93 11.11 30.04
C ASP A 464 -1.29 10.54 31.32
N GLN A 465 -0.19 11.15 31.76
CA GLN A 465 0.73 10.62 32.82
C GLN A 465 1.18 9.22 32.41
N LYS A 466 1.73 9.12 31.19
CA LYS A 466 2.26 7.86 30.57
C LYS A 466 3.51 8.18 29.75
N TRP A 467 4.42 7.21 29.68
CA TRP A 467 5.60 7.18 28.77
C TRP A 467 5.20 6.52 27.45
N THR A 468 5.73 7.02 26.33
CA THR A 468 5.58 6.41 24.99
C THR A 468 6.97 6.24 24.38
N ARG A 469 7.13 5.29 23.47
CA ARG A 469 8.36 5.03 22.70
C ARG A 469 8.37 5.92 21.44
N HIS A 470 9.49 6.61 21.21
CA HIS A 470 9.72 7.45 20.00
C HIS A 470 11.07 7.07 19.42
N TYR A 471 11.21 7.11 18.10
CA TYR A 471 12.53 7.04 17.45
C TYR A 471 13.09 8.46 17.42
N CYS A 472 14.32 8.62 17.92
CA CYS A 472 15.02 9.91 18.03
C CYS A 472 16.38 9.80 17.34
N ALA A 473 16.85 10.92 16.79
CA ALA A 473 18.13 11.05 16.07
C ALA A 473 18.66 12.47 16.25
N ILE A 474 19.98 12.61 16.34
CA ILE A 474 20.70 13.91 16.46
C ILE A 474 21.37 14.18 15.11
N ALA A 475 20.93 15.23 14.41
CA ALA A 475 21.51 15.73 13.14
C ALA A 475 21.84 17.23 13.29
N ASP A 476 23.11 17.58 13.10
CA ASP A 476 23.61 18.99 13.11
C ASP A 476 23.14 19.67 14.41
N ALA A 477 23.46 19.05 15.55
CA ALA A 477 23.22 19.58 16.91
C ALA A 477 21.71 19.77 17.17
N LYS A 478 20.86 18.97 16.54
CA LYS A 478 19.37 19.03 16.74
C LYS A 478 18.84 17.60 16.95
N LEU A 479 18.29 17.34 18.14
CA LEU A 479 17.61 16.05 18.46
C LEU A 479 16.17 16.13 17.90
N SER A 480 15.89 15.36 16.85
CA SER A 480 14.54 15.16 16.27
C SER A 480 13.94 13.88 16.83
N PHE A 481 12.66 13.91 17.22
CA PHE A 481 11.92 12.76 17.79
C PHE A 481 10.63 12.51 17.01
N SER A 482 10.21 11.26 16.93
CA SER A 482 9.06 10.78 16.12
C SER A 482 7.78 10.84 16.95
N ASP A 483 6.65 10.48 16.34
CA ASP A 483 5.38 10.17 17.07
C ASP A 483 5.58 8.84 17.80
N ASP A 484 4.64 8.47 18.66
CA ASP A 484 4.77 7.25 19.52
C ASP A 484 4.73 6.00 18.63
N ILE A 485 5.38 4.93 19.09
CA ILE A 485 5.37 3.57 18.49
C ILE A 485 4.45 2.69 19.34
N GLU A 486 3.45 2.06 18.74
CA GLU A 486 2.37 1.32 19.46
C GLU A 486 2.95 0.04 20.07
N PRO A 614 -25.36 -2.67 29.69
CA PRO A 614 -26.30 -1.95 30.57
C PRO A 614 -25.82 -0.54 30.96
N ASN A 615 -25.64 0.33 29.95
CA ASN A 615 -25.22 1.76 30.08
C ASN A 615 -24.04 1.89 31.05
N PRO A 616 -22.89 1.21 30.80
CA PRO A 616 -21.78 1.19 31.74
C PRO A 616 -20.93 2.47 31.75
N HIS A 617 -21.19 3.36 30.78
CA HIS A 617 -20.49 4.65 30.55
C HIS A 617 -20.87 5.71 31.60
N GLU A 618 -21.93 5.48 32.37
CA GLU A 618 -22.51 6.50 33.28
C GLU A 618 -21.59 6.73 34.49
N SER A 619 -20.84 5.70 34.90
CA SER A 619 -19.84 5.75 36.00
C SER A 619 -18.52 6.38 35.50
N LYS A 620 -18.25 6.29 34.19
CA LYS A 620 -16.94 6.65 33.58
C LYS A 620 -16.77 8.17 33.54
N PRO A 621 -15.61 8.70 33.95
CA PRO A 621 -15.42 10.15 34.09
C PRO A 621 -15.25 10.90 32.76
N TRP A 622 -15.12 10.20 31.62
CA TRP A 622 -15.06 10.83 30.28
C TRP A 622 -16.47 11.08 29.72
N TYR A 623 -17.51 10.52 30.37
CA TYR A 623 -18.94 10.78 30.06
C TYR A 623 -19.44 11.99 30.87
N TYR A 624 -20.17 12.89 30.22
CA TYR A 624 -20.79 14.10 30.80
C TYR A 624 -22.31 14.05 30.56
N ASP A 625 -23.08 13.94 31.66
CA ASP A 625 -24.55 13.74 31.65
C ASP A 625 -25.26 14.99 31.11
N SER A 626 -24.80 16.17 31.48
CA SER A 626 -25.50 17.46 31.31
C SER A 626 -24.56 18.53 30.73
N LEU A 627 -23.94 18.25 29.59
CA LEU A 627 -22.91 19.12 28.96
C LEU A 627 -23.37 19.55 27.56
N SER A 628 -23.33 20.86 27.27
CA SER A 628 -23.68 21.45 25.96
C SER A 628 -22.52 21.29 24.98
N ARG A 629 -22.80 21.47 23.70
CA ARG A 629 -21.82 21.35 22.58
C ARG A 629 -20.74 22.43 22.71
N GLY A 630 -21.11 23.63 23.15
CA GLY A 630 -20.22 24.81 23.26
C GLY A 630 -19.18 24.65 24.35
N GLU A 631 -19.59 24.16 25.53
CA GLU A 631 -18.71 23.87 26.70
C GLU A 631 -17.64 22.86 26.27
N ALA A 632 -18.09 21.74 25.71
CA ALA A 632 -17.24 20.62 25.23
C ALA A 632 -16.12 21.18 24.36
N GLU A 633 -16.44 22.04 23.39
CA GLU A 633 -15.45 22.71 22.50
C GLU A 633 -14.43 23.48 23.35
N ASP A 634 -14.88 24.24 24.36
CA ASP A 634 -14.01 25.07 25.24
C ASP A 634 -13.14 24.13 26.10
N MET A 635 -13.76 23.11 26.72
CA MET A 635 -13.08 22.12 27.59
C MET A 635 -11.95 21.43 26.82
N LEU A 636 -12.19 21.08 25.55
CA LEU A 636 -11.22 20.35 24.71
C LEU A 636 -10.22 21.33 24.07
N MET A 637 -10.58 22.61 23.95
CA MET A 637 -9.64 23.68 23.49
C MET A 637 -8.68 24.06 24.63
N ARG A 638 -8.92 23.59 25.87
CA ARG A 638 -8.03 23.81 27.04
C ARG A 638 -6.92 22.74 27.07
N ILE A 639 -7.08 21.63 26.34
CA ILE A 639 -6.17 20.45 26.40
C ILE A 639 -5.48 20.28 25.05
N PRO A 640 -4.17 20.61 24.95
CA PRO A 640 -3.49 20.72 23.65
C PRO A 640 -2.97 19.38 23.12
N ARG A 641 -3.89 18.47 22.76
CA ARG A 641 -3.58 17.10 22.30
C ARG A 641 -4.62 16.64 21.26
N ASP A 642 -4.16 16.21 20.10
CA ASP A 642 -4.96 15.37 19.17
C ASP A 642 -5.37 14.12 19.95
N GLY A 643 -6.62 13.68 19.80
CA GLY A 643 -7.09 12.43 20.41
C GLY A 643 -7.67 12.63 21.80
N ALA A 644 -7.64 13.87 22.30
CA ALA A 644 -8.43 14.31 23.48
C ALA A 644 -9.91 14.17 23.13
N PHE A 645 -10.71 13.57 24.01
CA PHE A 645 -12.14 13.25 23.76
C PHE A 645 -12.94 13.27 25.05
N LEU A 646 -14.25 13.51 24.90
CA LEU A 646 -15.29 13.17 25.90
C LEU A 646 -16.52 12.71 25.12
N ILE A 647 -17.38 11.93 25.77
CA ILE A 647 -18.73 11.59 25.24
C ILE A 647 -19.76 12.30 26.12
N ARG A 648 -20.72 12.99 25.50
CA ARG A 648 -21.80 13.75 26.18
C ARG A 648 -23.15 13.30 25.62
N LYS A 649 -24.17 13.23 26.47
CA LYS A 649 -25.59 13.15 26.03
C LYS A 649 -25.92 14.45 25.29
N ARG A 650 -26.62 14.35 24.15
CA ARG A 650 -27.08 15.51 23.35
C ARG A 650 -28.23 16.21 24.09
N GLU A 651 -28.27 17.54 24.03
CA GLU A 651 -29.28 18.40 24.71
C GLU A 651 -30.67 18.18 24.08
N GLY A 652 -31.65 17.77 24.89
CA GLY A 652 -33.05 17.58 24.49
C GLY A 652 -33.22 16.32 23.65
N SER A 653 -32.57 15.23 24.05
CA SER A 653 -32.53 13.95 23.28
C SER A 653 -31.95 12.83 24.15
N ASP A 654 -32.47 11.60 24.01
CA ASP A 654 -31.90 10.35 24.56
C ASP A 654 -30.98 9.73 23.50
N SER A 655 -29.94 10.48 23.15
CA SER A 655 -28.85 10.12 22.20
C SER A 655 -27.58 10.86 22.64
N TYR A 656 -26.44 10.57 22.02
CA TYR A 656 -25.11 10.99 22.52
C TYR A 656 -24.28 11.61 21.38
N ALA A 657 -23.15 12.19 21.75
CA ALA A 657 -22.11 12.68 20.82
C ALA A 657 -20.73 12.38 21.42
N ILE A 658 -19.77 12.08 20.55
CA ILE A 658 -18.31 12.09 20.89
C ILE A 658 -17.76 13.40 20.30
N THR A 659 -17.11 14.21 21.12
CA THR A 659 -16.38 15.43 20.68
C THR A 659 -14.91 15.27 21.06
N PHE A 660 -14.03 15.54 20.11
CA PHE A 660 -12.57 15.29 20.22
C PHE A 660 -11.81 16.47 19.58
N ARG A 661 -10.56 16.66 19.99
CA ARG A 661 -9.64 17.64 19.37
C ARG A 661 -8.77 16.93 18.34
N ALA A 662 -8.70 17.49 17.13
CA ALA A 662 -7.77 17.10 16.04
C ALA A 662 -7.19 18.38 15.44
N ARG A 663 -5.86 18.51 15.47
CA ARG A 663 -5.11 19.64 14.87
C ARG A 663 -5.64 20.97 15.41
N GLY A 664 -5.71 21.13 16.73
CA GLY A 664 -6.08 22.38 17.42
C GLY A 664 -7.49 22.85 17.11
N LYS A 665 -8.38 21.94 16.72
CA LYS A 665 -9.79 22.22 16.35
C LYS A 665 -10.68 21.07 16.84
N VAL A 666 -11.83 21.40 17.43
CA VAL A 666 -12.80 20.41 18.00
C VAL A 666 -13.77 19.98 16.90
N LYS A 667 -14.06 18.67 16.84
CA LYS A 667 -15.07 18.06 15.93
C LYS A 667 -16.09 17.32 16.79
N HIS A 668 -17.31 17.16 16.27
CA HIS A 668 -18.46 16.52 16.96
C HIS A 668 -18.98 15.38 16.10
N CYS A 669 -19.25 14.22 16.72
CA CYS A 669 -19.72 12.98 16.07
C CYS A 669 -21.01 12.52 16.75
N ARG A 670 -22.07 12.34 15.98
CA ARG A 670 -23.42 11.99 16.50
C ARG A 670 -23.47 10.49 16.76
N ILE A 671 -23.90 10.09 17.96
CA ILE A 671 -24.14 8.69 18.39
C ILE A 671 -25.63 8.52 18.74
N ASN A 672 -26.39 7.88 17.86
CA ASN A 672 -27.83 7.54 18.04
C ASN A 672 -27.95 6.11 18.55
N ARG A 673 -29.18 5.67 18.82
CA ARG A 673 -29.49 4.31 19.34
C ARG A 673 -30.32 3.55 18.32
N ASP A 674 -30.00 2.28 18.08
CA ASP A 674 -30.83 1.30 17.33
C ASP A 674 -31.27 0.22 18.33
N GLY A 675 -32.45 0.39 18.92
CA GLY A 675 -32.93 -0.41 20.07
C GLY A 675 -31.91 -0.40 21.20
N ARG A 676 -31.15 -1.51 21.35
CA ARG A 676 -30.14 -1.68 22.42
C ARG A 676 -28.79 -1.11 21.95
N HIS A 677 -28.48 -1.22 20.66
CA HIS A 677 -27.18 -0.87 20.05
C HIS A 677 -26.97 0.65 20.02
N PHE A 678 -25.71 1.08 19.90
CA PHE A 678 -25.29 2.48 19.64
C PHE A 678 -24.68 2.55 18.24
N VAL A 679 -25.06 3.56 17.46
CA VAL A 679 -24.62 3.76 16.05
C VAL A 679 -23.84 5.08 15.97
N LEU A 680 -22.53 5.00 15.80
CA LEU A 680 -21.65 6.17 15.51
C LEU A 680 -21.76 6.49 14.01
N GLY A 681 -22.02 7.75 13.67
CA GLY A 681 -22.32 8.16 12.29
C GLY A 681 -23.51 7.40 11.73
N THR A 682 -23.27 6.56 10.73
CA THR A 682 -24.32 5.90 9.90
C THR A 682 -24.43 4.40 10.25
N SER A 683 -23.32 3.67 10.25
CA SER A 683 -23.33 2.18 10.29
C SER A 683 -22.24 1.60 11.20
N ALA A 684 -21.60 2.39 12.06
CA ALA A 684 -20.60 1.90 13.05
C ALA A 684 -21.34 1.46 14.30
N TYR A 685 -21.59 0.16 14.43
CA TYR A 685 -22.47 -0.43 15.48
C TYR A 685 -21.62 -0.86 16.66
N PHE A 686 -22.08 -0.54 17.88
CA PHE A 686 -21.46 -0.90 19.17
C PHE A 686 -22.56 -1.29 20.17
N GLU A 687 -22.26 -2.25 21.06
CA GLU A 687 -23.16 -2.70 22.14
C GLU A 687 -23.17 -1.65 23.26
N SER A 688 -22.13 -0.84 23.37
CA SER A 688 -21.80 -0.03 24.57
C SER A 688 -20.85 1.11 24.19
N LEU A 689 -20.96 2.26 24.86
CA LEU A 689 -20.12 3.46 24.59
C LEU A 689 -18.70 3.21 25.09
N VAL A 690 -18.53 2.26 26.02
CA VAL A 690 -17.21 1.79 26.51
C VAL A 690 -16.55 0.97 25.39
N GLU A 691 -17.31 0.07 24.77
CA GLU A 691 -16.86 -0.75 23.61
C GLU A 691 -16.43 0.20 22.48
N LEU A 692 -17.22 1.22 22.19
CA LEU A 692 -16.92 2.28 21.19
C LEU A 692 -15.59 2.97 21.54
N VAL A 693 -15.37 3.32 22.81
CA VAL A 693 -14.14 4.04 23.26
C VAL A 693 -12.94 3.08 23.18
N SER A 694 -13.11 1.83 23.58
CA SER A 694 -12.10 0.74 23.46
C SER A 694 -11.65 0.58 22.00
N TYR A 695 -12.60 0.57 21.06
CA TYR A 695 -12.33 0.29 19.63
C TYR A 695 -11.46 1.43 19.05
N TYR A 696 -11.83 2.68 19.32
CA TYR A 696 -11.18 3.88 18.70
C TYR A 696 -9.93 4.28 19.50
N GLU A 697 -9.62 3.54 20.58
CA GLU A 697 -8.29 3.55 21.25
C GLU A 697 -7.29 2.74 20.42
N LYS A 698 -7.73 1.60 19.87
CA LYS A 698 -6.91 0.64 19.07
C LYS A 698 -6.97 0.99 17.58
N HIS A 699 -8.11 1.44 17.07
CA HIS A 699 -8.37 1.77 15.64
C HIS A 699 -8.58 3.28 15.47
N SER A 700 -8.19 3.84 14.32
CA SER A 700 -8.28 5.30 14.04
C SER A 700 -9.75 5.67 13.82
N LEU A 701 -10.17 6.81 14.38
CA LEU A 701 -11.55 7.37 14.33
C LEU A 701 -11.61 8.46 13.26
N TYR A 702 -10.67 9.40 13.31
CA TYR A 702 -10.53 10.55 12.38
C TYR A 702 -9.12 10.52 11.78
N ARG A 703 -9.02 10.26 10.48
CA ARG A 703 -7.72 10.16 9.75
C ARG A 703 -6.85 9.12 10.45
N LYS A 704 -5.77 9.52 11.11
CA LYS A 704 -4.88 8.60 11.87
C LYS A 704 -4.94 8.96 13.37
N MET A 705 -5.87 9.82 13.77
CA MET A 705 -6.11 10.16 15.20
C MET A 705 -6.88 8.99 15.84
N ARG A 706 -6.42 8.57 17.03
CA ARG A 706 -7.13 7.61 17.92
C ARG A 706 -7.54 8.36 19.17
N LEU A 707 -8.46 7.77 19.95
CA LEU A 707 -8.82 8.29 21.30
C LEU A 707 -7.69 7.90 22.26
N ARG A 708 -7.15 8.86 23.01
CA ARG A 708 -6.06 8.61 23.99
C ARG A 708 -6.28 9.39 25.29
N TYR A 709 -6.73 10.65 25.23
CA TYR A 709 -6.80 11.58 26.38
C TYR A 709 -8.27 11.81 26.79
N PRO A 710 -8.82 11.00 27.73
CA PRO A 710 -10.18 11.23 28.22
C PRO A 710 -10.20 12.54 29.02
N VAL A 711 -10.92 13.55 28.53
CA VAL A 711 -11.09 14.89 29.17
C VAL A 711 -12.05 14.72 30.36
N THR A 712 -11.51 14.60 31.56
CA THR A 712 -12.26 14.39 32.84
C THR A 712 -12.18 15.66 33.66
N PRO A 713 -13.01 15.84 34.71
CA PRO A 713 -12.88 16.99 35.60
C PRO A 713 -11.52 17.01 36.32
N GLU A 714 -11.06 15.84 36.79
CA GLU A 714 -9.75 15.65 37.46
C GLU A 714 -8.60 16.11 36.54
N LEU A 715 -8.70 15.84 35.24
CA LEU A 715 -7.67 16.21 34.24
C LEU A 715 -7.67 17.73 34.01
N LEU A 716 -8.85 18.34 33.87
CA LEU A 716 -8.99 19.81 33.71
C LEU A 716 -8.44 20.50 34.97
N GLU A 717 -8.80 19.99 36.15
CA GLU A 717 -8.32 20.50 37.46
C GLU A 717 -6.78 20.44 37.48
N ARG A 718 -6.21 19.26 37.22
CA ARG A 718 -4.75 19.01 37.31
C ARG A 718 -4.02 19.87 36.28
N TYR A 719 -4.44 19.85 35.01
CA TYR A 719 -3.71 20.49 33.89
C TYR A 719 -3.71 22.01 34.09
N ASN A 720 -4.82 22.57 34.60
CA ASN A 720 -4.98 24.03 34.81
C ASN A 720 -3.90 24.53 35.78
N MET A 721 -3.70 23.83 36.90
CA MET A 721 -2.69 24.17 37.94
C MET A 721 -1.29 24.02 37.33
N GLU A 722 -1.02 22.90 36.66
CA GLU A 722 0.29 22.57 36.05
C GLU A 722 0.68 23.64 35.02
N ARG A 723 -0.31 24.13 34.26
CA ARG A 723 -0.11 25.18 33.23
C ARG A 723 0.35 26.48 33.89
N ASP A 724 -0.17 26.79 35.08
CA ASP A 724 0.27 27.95 35.91
C ASP A 724 1.73 27.71 36.35
N ILE A 725 2.01 26.57 36.99
CA ILE A 725 3.36 26.21 37.51
C ILE A 725 4.39 26.31 36.39
N ASN A 726 4.04 25.86 35.17
CA ASN A 726 4.96 25.73 34.01
C ASN A 726 4.83 26.96 33.09
N SER A 727 4.31 28.07 33.60
CA SER A 727 3.96 29.30 32.85
C SER A 727 5.21 29.94 32.20
N LEU A 728 6.38 29.80 32.81
CA LEU A 728 7.63 30.52 32.39
C LEU A 728 8.14 30.01 31.04
N TYR A 729 7.67 28.85 30.57
CA TYR A 729 8.07 28.29 29.25
C TYR A 729 6.83 27.96 28.40
N ASP A 730 7.01 28.00 27.08
CA ASP A 730 6.01 27.65 26.04
C ASP A 730 6.36 26.27 25.49
N VAL A 731 5.52 25.27 25.80
CA VAL A 731 5.73 23.82 25.51
C VAL A 731 5.65 23.57 24.00
N SER A 732 4.90 24.40 23.26
CA SER A 732 4.73 24.31 21.78
C SER A 732 6.08 24.24 21.06
N ARG A 733 7.10 24.92 21.59
CA ARG A 733 8.40 25.15 20.90
C ARG A 733 9.17 23.85 20.65
N MET A 734 8.91 22.78 21.42
CA MET A 734 9.62 21.48 21.24
C MET A 734 8.94 20.67 20.12
N TYR A 735 7.62 20.79 19.98
CA TYR A 735 6.83 20.17 18.88
C TYR A 735 6.97 21.02 17.63
N VAL A 736 6.68 20.44 16.46
CA VAL A 736 6.70 21.12 15.14
C VAL A 736 5.28 21.09 14.57
N ASP A 737 4.92 22.09 13.77
CA ASP A 737 3.55 22.27 13.20
C ASP A 737 3.32 21.21 12.12
N PRO A 738 2.13 20.57 12.06
CA PRO A 738 1.88 19.48 11.11
C PRO A 738 2.07 19.85 9.63
N SER A 739 1.86 21.13 9.28
CA SER A 739 2.06 21.70 7.91
C SER A 739 3.56 21.87 7.61
N GLU A 740 4.38 22.11 8.64
CA GLU A 740 5.83 22.42 8.51
C GLU A 740 6.64 21.16 8.17
N ILE A 741 6.03 19.97 8.21
CA ILE A 741 6.62 18.68 7.75
C ILE A 741 6.00 18.27 6.40
N ASN A 742 4.80 18.77 6.09
CA ASN A 742 4.07 18.55 4.82
C ASN A 742 4.73 19.38 3.72
N PRO A 743 5.26 18.75 2.63
CA PRO A 743 5.86 19.52 1.53
C PRO A 743 4.86 20.38 0.75
N SER A 744 5.36 21.47 0.15
CA SER A 744 4.64 22.32 -0.84
C SER A 744 4.40 21.48 -2.10
N MET A 745 3.14 21.31 -2.51
CA MET A 745 2.75 20.44 -3.66
C MET A 745 3.42 20.96 -4.93
N PRO A 746 3.87 20.06 -5.85
CA PRO A 746 4.60 20.46 -7.04
C PRO A 746 3.91 21.57 -7.86
N GLN A 747 2.59 21.48 -8.06
CA GLN A 747 1.84 22.32 -9.04
C GLN A 747 0.47 22.75 -8.49
N ARG A 748 0.13 22.45 -7.23
CA ARG A 748 -1.22 22.71 -6.64
C ARG A 748 -1.19 24.00 -5.80
N THR A 749 -0.86 25.14 -6.42
CA THR A 749 -0.85 26.48 -5.79
C THR A 749 -1.53 27.50 -6.71
N VAL A 750 -2.30 28.43 -6.14
CA VAL A 750 -3.04 29.49 -6.89
C VAL A 750 -2.71 30.85 -6.24
N LYS A 751 -2.93 31.94 -6.99
CA LYS A 751 -2.66 33.34 -6.59
C LYS A 751 -3.98 34.12 -6.68
N ALA A 752 -4.32 34.88 -5.65
CA ALA A 752 -5.62 35.60 -5.54
C ALA A 752 -5.64 36.76 -6.55
N LEU A 753 -6.71 36.84 -7.36
CA LEU A 753 -6.96 37.90 -8.37
C LEU A 753 -7.63 39.11 -7.70
N TYR A 754 -8.35 38.88 -6.60
CA TYR A 754 -9.15 39.92 -5.89
C TYR A 754 -9.12 39.66 -4.37
N ASP A 755 -9.40 40.71 -3.59
CA ASP A 755 -9.77 40.61 -2.16
C ASP A 755 -11.08 39.81 -2.07
N TYR A 756 -11.21 38.92 -1.09
CA TYR A 756 -12.45 38.15 -0.79
C TYR A 756 -12.70 38.12 0.71
N LYS A 757 -13.90 38.57 1.13
CA LYS A 757 -14.40 38.44 2.52
C LYS A 757 -15.32 37.21 2.60
N ALA A 758 -15.02 36.30 3.53
CA ALA A 758 -15.75 35.04 3.79
C ALA A 758 -17.17 35.36 4.24
N LYS A 759 -18.18 34.93 3.47
CA LYS A 759 -19.63 35.09 3.79
C LYS A 759 -20.05 34.01 4.80
N ARG A 760 -19.16 33.04 5.08
CA ARG A 760 -19.38 31.91 6.02
C ARG A 760 -18.06 31.57 6.72
N SER A 761 -18.12 30.92 7.89
CA SER A 761 -16.96 30.38 8.64
C SER A 761 -16.29 29.28 7.80
N ASP A 762 -17.11 28.53 7.04
CA ASP A 762 -16.71 27.52 6.03
C ASP A 762 -15.69 28.14 5.07
N GLU A 763 -16.00 29.32 4.53
CA GLU A 763 -15.19 30.03 3.49
C GLU A 763 -13.94 30.64 4.11
N LEU A 764 -12.83 30.65 3.35
CA LEU A 764 -11.58 31.42 3.67
C LEU A 764 -11.77 32.88 3.27
N SER A 765 -11.04 33.79 3.94
CA SER A 765 -10.95 35.23 3.63
C SER A 765 -9.48 35.57 3.35
N PHE A 766 -9.21 36.40 2.33
CA PHE A 766 -7.83 36.68 1.85
C PHE A 766 -7.80 37.97 1.00
N CYS A 767 -6.59 38.51 0.77
CA CYS A 767 -6.32 39.70 -0.07
C CYS A 767 -5.79 39.26 -1.44
N ARG A 768 -5.94 40.13 -2.45
CA ARG A 768 -5.31 39.98 -3.80
C ARG A 768 -3.81 39.70 -3.63
N GLY A 769 -3.27 38.76 -4.42
CA GLY A 769 -1.84 38.40 -4.42
C GLY A 769 -1.52 37.24 -3.48
N ALA A 770 -2.45 36.87 -2.60
CA ALA A 770 -2.30 35.75 -1.64
C ALA A 770 -2.09 34.43 -2.40
N LEU A 771 -1.03 33.68 -2.03
CA LEU A 771 -0.75 32.32 -2.55
C LEU A 771 -1.43 31.28 -1.65
N ILE A 772 -2.37 30.52 -2.21
CA ILE A 772 -3.16 29.45 -1.52
C ILE A 772 -2.69 28.09 -2.02
N HIS A 773 -2.23 27.22 -1.10
CA HIS A 773 -1.44 25.99 -1.39
C HIS A 773 -2.30 24.74 -1.21
N ASN A 774 -1.88 23.62 -1.81
CA ASN A 774 -2.48 22.26 -1.69
C ASN A 774 -3.96 22.30 -2.12
N VAL A 775 -4.24 22.97 -3.25
CA VAL A 775 -5.63 23.18 -3.77
C VAL A 775 -6.16 21.85 -4.34
N SER A 776 -7.31 21.39 -3.83
CA SER A 776 -8.07 20.23 -4.35
C SER A 776 -9.25 20.74 -5.18
N LYS A 777 -9.20 20.55 -6.50
CA LYS A 777 -10.14 21.17 -7.47
C LYS A 777 -11.34 20.25 -7.72
N GLU A 778 -12.55 20.76 -7.46
CA GLU A 778 -13.86 20.11 -7.75
C GLU A 778 -14.56 20.98 -8.79
N PRO A 779 -15.70 20.55 -9.38
CA PRO A 779 -16.39 21.37 -10.38
C PRO A 779 -17.08 22.59 -9.77
N GLY A 780 -17.51 23.52 -10.63
CA GLY A 780 -18.33 24.70 -10.24
C GLY A 780 -17.50 25.76 -9.52
N GLY A 781 -18.13 26.48 -8.59
CA GLY A 781 -17.66 27.75 -8.03
C GLY A 781 -16.57 27.59 -6.97
N TRP A 782 -16.72 26.63 -6.06
CA TRP A 782 -15.92 26.56 -4.81
C TRP A 782 -14.85 25.46 -4.89
N TRP A 783 -13.59 25.84 -4.66
CA TRP A 783 -12.41 24.94 -4.47
C TRP A 783 -12.03 24.95 -2.98
N LYS A 784 -11.06 24.10 -2.60
CA LYS A 784 -10.60 23.90 -1.20
C LYS A 784 -9.06 23.96 -1.18
N GLY A 785 -8.47 24.72 -0.25
CA GLY A 785 -7.03 24.97 -0.18
C GLY A 785 -6.58 25.62 1.12
N ASP A 786 -5.27 25.62 1.37
CA ASP A 786 -4.61 26.07 2.64
C ASP A 786 -4.06 27.49 2.45
N TYR A 787 -4.35 28.39 3.39
CA TYR A 787 -3.78 29.76 3.45
C TYR A 787 -3.49 30.13 4.91
N GLY A 788 -2.22 30.43 5.21
CA GLY A 788 -1.75 30.74 6.57
C GLY A 788 -1.85 29.52 7.48
N THR A 789 -2.64 29.62 8.55
CA THR A 789 -2.79 28.57 9.60
C THR A 789 -3.86 27.55 9.17
N ARG A 790 -5.00 28.02 8.65
CA ARG A 790 -6.17 27.19 8.28
C ARG A 790 -5.80 26.18 7.18
N ILE A 791 -6.58 25.11 7.05
CA ILE A 791 -6.33 23.97 6.11
C ILE A 791 -7.61 23.64 5.34
N GLN A 792 -7.50 23.63 4.00
CA GLN A 792 -8.48 23.02 3.05
C GLN A 792 -9.88 23.61 3.26
N GLN A 793 -9.98 24.92 3.48
CA GLN A 793 -11.29 25.63 3.58
C GLN A 793 -11.75 26.05 2.17
N TYR A 794 -13.03 26.37 2.02
CA TYR A 794 -13.70 26.64 0.72
C TYR A 794 -13.38 28.09 0.30
N PHE A 795 -13.24 28.33 -1.01
CA PHE A 795 -13.04 29.69 -1.60
C PHE A 795 -13.56 29.71 -3.04
N PRO A 796 -13.97 30.89 -3.57
CA PRO A 796 -14.40 31.00 -4.96
C PRO A 796 -13.25 30.72 -5.93
N SER A 797 -13.44 29.76 -6.84
CA SER A 797 -12.46 29.30 -7.86
C SER A 797 -12.15 30.45 -8.85
N ASN A 798 -13.12 31.34 -9.09
CA ASN A 798 -13.01 32.42 -10.10
C ASN A 798 -12.41 33.68 -9.46
N TYR A 799 -11.93 33.58 -8.21
CA TYR A 799 -11.24 34.65 -7.46
C TYR A 799 -9.72 34.40 -7.43
N VAL A 800 -9.26 33.29 -8.00
CA VAL A 800 -7.81 32.91 -8.07
C VAL A 800 -7.41 32.68 -9.54
N GLU A 801 -6.10 32.68 -9.80
CA GLU A 801 -5.47 32.36 -11.12
C GLU A 801 -4.25 31.46 -10.89
N ASP A 802 -3.66 30.93 -11.96
CA ASP A 802 -2.41 30.13 -11.94
C ASP A 802 -1.25 30.99 -11.42
N ILE A 803 -0.26 30.37 -10.75
CA ILE A 803 1.03 31.02 -10.40
C ILE A 803 1.89 31.09 -11.67
N SER A 804 2.91 31.95 -11.68
CA SER A 804 3.92 32.07 -12.75
C SER A 804 5.28 31.66 -12.17
N THR A 805 6.33 31.71 -13.00
CA THR A 805 7.74 31.51 -12.57
C THR A 805 8.09 32.59 -11.53
N ALA A 806 7.55 33.81 -11.68
CA ALA A 806 7.79 34.97 -10.79
C ALA A 806 7.39 34.63 -9.35
N ASP A 807 6.43 33.72 -9.16
CA ASP A 807 5.94 33.26 -7.83
C ASP A 807 6.80 32.09 -7.31
N PHE A 808 7.56 31.41 -8.17
CA PHE A 808 8.38 30.22 -7.83
C PHE A 808 9.33 30.53 -6.68
N GLU A 809 10.10 31.62 -6.81
CA GLU A 809 11.13 32.06 -5.84
C GLU A 809 10.51 32.17 -4.44
N GLU A 810 9.28 32.68 -4.35
CA GLU A 810 8.50 32.82 -3.08
C GLU A 810 8.15 31.43 -2.53
N LEU A 811 7.79 30.47 -3.39
CA LEU A 811 7.45 29.08 -2.99
C LEU A 811 8.72 28.33 -2.58
N GLU A 812 9.87 28.64 -3.21
CA GLU A 812 11.19 28.00 -2.93
C GLU A 812 11.65 28.38 -1.51
N LYS A 813 11.37 29.61 -1.07
CA LYS A 813 11.62 30.08 0.32
C LYS A 813 10.71 29.31 1.29
N GLN A 814 9.47 29.03 0.88
CA GLN A 814 8.43 28.34 1.69
C GLN A 814 8.70 26.82 1.75
N ILE A 815 9.70 26.30 1.03
CA ILE A 815 10.09 24.86 1.08
C ILE A 815 10.59 24.56 2.50
N ILE A 816 9.92 23.62 3.18
CA ILE A 816 10.21 23.15 4.56
C ILE A 816 11.66 22.68 4.65
N GLU A 817 12.33 22.93 5.78
CA GLU A 817 13.67 22.37 6.10
C GLU A 817 13.50 20.88 6.43
N ASP A 818 14.17 20.01 5.68
CA ASP A 818 14.18 18.54 5.91
C ASP A 818 14.80 18.26 7.28
N ASN A 819 14.25 17.28 8.01
CA ASN A 819 14.84 16.69 9.24
C ASN A 819 14.99 15.18 9.02
N PRO A 820 15.88 14.50 9.80
CA PRO A 820 16.14 13.07 9.63
C PRO A 820 14.91 12.15 9.63
N LEU A 821 13.81 12.54 10.27
CA LEU A 821 12.59 11.70 10.43
C LEU A 821 11.50 12.07 9.42
N GLY A 822 11.75 13.07 8.57
CA GLY A 822 10.80 13.54 7.53
C GLY A 822 9.37 13.62 8.04
N SER A 823 8.46 12.86 7.43
CA SER A 823 7.01 12.80 7.76
C SER A 823 6.83 12.32 9.21
N LEU A 824 7.73 11.48 9.72
CA LEU A 824 7.57 10.84 11.06
C LEU A 824 7.98 11.81 12.18
N CYS A 825 8.64 12.93 11.86
CA CYS A 825 9.10 13.96 12.84
C CYS A 825 7.91 14.59 13.56
N ARG A 826 7.97 14.66 14.89
CA ARG A 826 6.90 15.23 15.75
C ARG A 826 7.40 16.52 16.43
N GLY A 827 8.70 16.62 16.72
CA GLY A 827 9.31 17.81 17.33
C GLY A 827 10.79 17.85 17.13
N ILE A 828 11.40 19.04 17.22
CA ILE A 828 12.86 19.28 17.01
C ILE A 828 13.41 20.11 18.17
N LEU A 829 14.53 19.68 18.75
CA LEU A 829 15.19 20.32 19.91
C LEU A 829 16.59 20.79 19.50
N ASP A 830 16.85 22.10 19.66
CA ASP A 830 18.15 22.75 19.35
C ASP A 830 19.07 22.56 20.55
N LEU A 831 19.95 21.55 20.50
CA LEU A 831 20.79 21.12 21.64
C LEU A 831 21.84 22.19 21.99
N ASN A 832 22.06 23.17 21.11
CA ASN A 832 22.93 24.35 21.39
C ASN A 832 22.28 25.25 22.46
N THR A 833 20.95 25.19 22.62
CA THR A 833 20.15 26.04 23.55
C THR A 833 19.69 25.25 24.78
N TYR A 834 20.37 24.14 25.11
CA TYR A 834 20.05 23.27 26.27
C TYR A 834 21.33 22.77 26.92
N ASN A 835 21.27 22.53 28.24
CA ASN A 835 22.19 21.64 28.98
C ASN A 835 21.46 20.32 29.22
N VAL A 836 22.21 19.22 29.32
CA VAL A 836 21.66 17.87 29.64
C VAL A 836 22.09 17.52 31.07
N VAL A 837 21.13 17.05 31.87
CA VAL A 837 21.35 16.54 33.26
C VAL A 837 20.70 15.17 33.38
N LYS A 838 21.34 14.24 34.09
CA LYS A 838 20.73 12.96 34.52
C LYS A 838 19.99 13.20 35.84
N ALA A 839 18.71 12.84 35.91
CA ALA A 839 17.92 12.79 37.15
C ALA A 839 18.55 11.74 38.07
N PRO A 840 19.02 12.11 39.28
CA PRO A 840 19.73 11.16 40.14
C PRO A 840 18.94 9.87 40.42
N GLN A 841 17.62 9.97 40.58
CA GLN A 841 16.71 8.83 40.89
C GLN A 841 15.59 8.76 39.85
N GLY A 842 15.93 8.97 38.58
CA GLY A 842 14.96 9.04 37.46
C GLY A 842 13.79 9.93 37.80
N LYS A 843 12.60 9.62 37.28
CA LYS A 843 11.40 10.47 37.37
C LYS A 843 10.20 9.72 36.79
N ASN A 844 9.03 9.84 37.42
CA ASN A 844 7.75 9.24 36.96
C ASN A 844 7.91 7.73 36.73
N GLN A 845 8.62 7.04 37.62
CA GLN A 845 8.70 5.56 37.72
C GLN A 845 9.64 4.96 36.66
N LYS A 846 10.42 5.79 35.97
CA LYS A 846 11.58 5.33 35.16
C LYS A 846 12.84 5.61 35.96
N SER A 847 13.79 4.66 35.98
CA SER A 847 15.05 4.80 36.74
C SER A 847 16.04 5.67 35.96
N PHE A 848 16.06 5.52 34.63
CA PHE A 848 17.06 6.14 33.73
C PHE A 848 16.37 7.26 32.94
N VAL A 849 16.49 8.49 33.45
CA VAL A 849 15.89 9.71 32.85
C VAL A 849 16.97 10.78 32.76
N PHE A 850 17.16 11.34 31.56
CA PHE A 850 17.98 12.56 31.34
C PHE A 850 17.02 13.68 30.94
N ILE A 851 17.40 14.92 31.26
CA ILE A 851 16.54 16.13 31.08
C ILE A 851 17.35 17.20 30.34
N LEU A 852 16.81 17.72 29.25
CA LEU A 852 17.36 18.89 28.54
C LEU A 852 16.85 20.14 29.25
N GLU A 853 17.72 20.84 29.98
CA GLU A 853 17.36 22.06 30.74
C GLU A 853 17.60 23.26 29.84
N PRO A 854 16.57 24.14 29.65
CA PRO A 854 16.69 25.28 28.73
C PRO A 854 17.71 26.35 29.17
N LYS A 855 18.50 26.85 28.21
CA LYS A 855 19.38 28.03 28.38
C LYS A 855 18.58 29.32 28.09
N GLN A 856 17.72 29.29 27.06
CA GLN A 856 16.93 30.46 26.58
C GLN A 856 15.58 30.50 27.30
N GLN A 857 15.15 31.70 27.72
CA GLN A 857 13.88 31.92 28.46
C GLN A 857 12.70 31.61 27.52
N GLY A 858 11.70 30.90 28.04
CA GLY A 858 10.50 30.49 27.29
C GLY A 858 10.60 29.07 26.75
N ASP A 859 11.82 28.57 26.49
CA ASP A 859 12.06 27.21 25.94
C ASP A 859 11.77 26.17 27.01
N PRO A 860 10.99 25.10 26.70
CA PRO A 860 10.58 24.13 27.72
C PRO A 860 11.65 23.07 27.99
N PRO A 861 11.80 22.60 29.26
CA PRO A 861 12.62 21.42 29.54
C PRO A 861 11.95 20.16 28.98
N VAL A 862 12.76 19.21 28.49
CA VAL A 862 12.30 17.92 27.87
C VAL A 862 12.95 16.75 28.61
N GLU A 863 12.11 15.79 29.05
CA GLU A 863 12.52 14.56 29.78
C GLU A 863 12.50 13.37 28.82
N PHE A 864 13.62 12.64 28.71
CA PHE A 864 13.76 11.38 27.93
C PHE A 864 14.15 10.26 28.89
N ALA A 865 13.67 9.04 28.65
CA ALA A 865 14.03 7.84 29.44
C ALA A 865 14.60 6.75 28.51
N THR A 866 15.39 5.83 29.08
CA THR A 866 15.95 4.63 28.39
C THR A 866 15.56 3.37 29.18
N ASP A 867 15.76 2.20 28.56
CA ASP A 867 15.54 0.88 29.20
C ASP A 867 16.71 0.54 30.12
N ARG A 868 17.92 0.97 29.74
CA ARG A 868 19.21 0.61 30.39
C ARG A 868 20.07 1.85 30.59
N VAL A 869 20.77 1.91 31.71
CA VAL A 869 21.67 3.04 32.12
C VAL A 869 22.72 3.27 31.02
N GLU A 870 23.15 2.22 30.33
CA GLU A 870 24.23 2.28 29.30
C GLU A 870 23.71 3.11 28.11
N GLU A 871 22.44 2.92 27.74
CA GLU A 871 21.77 3.76 26.70
C GLU A 871 21.81 5.22 27.16
N LEU A 872 21.31 5.50 28.37
CA LEU A 872 21.25 6.87 28.94
C LEU A 872 22.64 7.53 28.86
N PHE A 873 23.72 6.78 29.16
CA PHE A 873 25.11 7.31 29.16
C PHE A 873 25.52 7.75 27.75
N GLU A 874 25.32 6.89 26.76
CA GLU A 874 25.66 7.16 25.33
C GLU A 874 24.93 8.43 24.86
N TRP A 875 23.64 8.55 25.19
CA TRP A 875 22.80 9.73 24.85
C TRP A 875 23.32 10.96 25.61
N PHE A 876 23.62 10.80 26.90
CA PHE A 876 24.15 11.88 27.77
C PHE A 876 25.44 12.43 27.16
N GLN A 877 26.37 11.57 26.75
CA GLN A 877 27.72 11.96 26.28
C GLN A 877 27.66 12.51 24.84
N SER A 878 26.80 11.94 23.99
CA SER A 878 26.53 12.43 22.61
C SER A 878 26.01 13.88 22.68
N ILE A 879 25.05 14.13 23.58
CA ILE A 879 24.39 15.45 23.75
C ILE A 879 25.37 16.42 24.42
N ARG A 880 26.14 15.96 25.40
CA ARG A 880 27.10 16.79 26.17
C ARG A 880 28.23 17.28 25.25
N GLU A 881 28.63 16.48 24.26
CA GLU A 881 29.72 16.80 23.29
C GLU A 881 29.24 17.87 22.29
N ILE A 882 27.94 18.16 22.27
CA ILE A 882 27.32 19.24 21.46
C ILE A 882 27.01 20.44 22.38
N THR A 883 26.46 20.18 23.58
CA THR A 883 26.01 21.23 24.55
C THR A 883 27.22 21.94 25.19
N TRP A 884 28.42 21.35 25.14
CA TRP A 884 29.68 21.97 25.61
C TRP A 884 30.47 22.55 24.44
N LYS A 885 30.31 22.00 23.24
CA LYS A 885 30.92 22.53 21.98
C LYS A 885 29.86 23.30 21.19
N GLN A 900 38.03 3.81 2.99
CA GLN A 900 37.98 3.97 1.52
C GLN A 900 38.86 2.92 0.85
N SER A 901 38.81 1.67 1.33
CA SER A 901 39.64 0.54 0.86
C SER A 901 38.75 -0.57 0.29
N ILE A 902 39.05 -1.00 -0.95
CA ILE A 902 38.29 -2.01 -1.74
C ILE A 902 39.19 -3.24 -1.92
N ALA A 903 38.65 -4.45 -1.68
CA ALA A 903 39.35 -5.74 -1.89
C ALA A 903 39.40 -6.07 -3.39
N ILE A 904 40.59 -6.41 -3.90
CA ILE A 904 40.89 -6.64 -5.35
C ILE A 904 39.98 -7.76 -5.87
N GLU A 905 39.75 -8.78 -5.04
CA GLU A 905 39.00 -10.01 -5.38
C GLU A 905 37.55 -9.64 -5.74
N LEU A 906 36.94 -8.74 -4.96
CA LEU A 906 35.56 -8.24 -5.18
C LEU A 906 35.56 -7.20 -6.31
N SER A 907 36.54 -6.29 -6.32
CA SER A 907 36.72 -5.24 -7.36
C SER A 907 36.72 -5.88 -8.75
N ASP A 908 37.34 -7.07 -8.87
CA ASP A 908 37.48 -7.83 -10.15
C ASP A 908 36.13 -8.38 -10.62
N LEU A 909 35.13 -8.52 -9.73
CA LEU A 909 33.78 -9.06 -10.06
C LEU A 909 32.90 -7.98 -10.70
N VAL A 910 33.35 -6.72 -10.74
CA VAL A 910 32.62 -5.57 -11.36
C VAL A 910 33.01 -5.51 -12.84
N VAL A 911 32.18 -6.11 -13.70
CA VAL A 911 32.35 -6.15 -15.18
C VAL A 911 31.64 -4.92 -15.76
N TYR A 912 30.34 -4.79 -15.47
CA TYR A 912 29.50 -3.60 -15.76
C TYR A 912 29.08 -2.99 -14.43
N CYS A 913 28.40 -1.85 -14.49
CA CYS A 913 27.83 -1.12 -13.32
C CYS A 913 28.96 -0.73 -12.36
N LYS A 914 30.10 -0.29 -12.92
CA LYS A 914 31.16 0.40 -12.16
C LYS A 914 30.62 1.76 -11.71
N PRO A 915 30.47 2.02 -10.39
CA PRO A 915 30.06 3.34 -9.91
C PRO A 915 31.11 4.40 -10.28
N THR A 916 30.66 5.57 -10.73
CA THR A 916 31.51 6.73 -11.13
C THR A 916 30.91 8.00 -10.50
N SER A 917 31.71 9.08 -10.44
CA SER A 917 31.31 10.41 -9.88
C SER A 917 31.43 11.49 -10.95
N LYS A 918 32.63 11.66 -11.53
CA LYS A 918 32.93 12.54 -12.70
C LYS A 918 32.06 13.82 -12.67
N THR A 919 31.93 14.44 -11.48
CA THR A 919 31.15 15.69 -11.25
C THR A 919 29.68 15.46 -11.62
N ASN A 922 29.49 16.73 -16.74
CA ASN A 922 28.78 16.18 -15.54
C ASN A 922 28.03 14.91 -15.94
N LEU A 923 27.38 14.90 -17.11
CA LEU A 923 26.73 13.69 -17.70
C LEU A 923 27.28 13.42 -19.12
N GLU A 924 28.42 14.02 -19.46
CA GLU A 924 29.05 13.91 -20.81
C GLU A 924 29.85 12.60 -20.91
N ASN A 925 30.06 12.12 -22.13
CA ASN A 925 30.87 10.92 -22.47
C ASN A 925 30.44 9.74 -21.60
N PRO A 926 29.22 9.20 -21.79
N PRO A 926 29.22 9.19 -21.80
CA PRO A 926 28.77 8.03 -21.03
CA PRO A 926 28.77 8.03 -21.04
C PRO A 926 29.57 6.77 -21.39
C PRO A 926 29.57 6.77 -21.39
N ASP A 927 30.17 6.13 -20.38
CA ASP A 927 30.82 4.81 -20.52
C ASP A 927 29.77 3.74 -20.21
N PHE A 928 29.64 2.75 -21.09
CA PHE A 928 28.59 1.70 -21.03
C PHE A 928 28.89 0.71 -19.88
N ARG A 929 30.14 0.67 -19.40
CA ARG A 929 30.58 -0.20 -18.27
C ARG A 929 30.33 0.51 -16.94
N GLU A 930 29.88 1.76 -16.98
CA GLU A 930 29.76 2.65 -15.80
C GLU A 930 28.27 2.87 -15.48
N ILE A 931 27.97 3.11 -14.20
CA ILE A 931 26.64 3.52 -13.68
C ILE A 931 26.84 4.77 -12.82
N ARG A 932 25.98 5.78 -13.02
CA ARG A 932 25.89 6.97 -12.13
C ARG A 932 24.65 6.80 -11.26
N SER A 933 24.79 7.03 -9.95
CA SER A 933 23.67 6.98 -8.98
C SER A 933 23.36 8.40 -8.48
N PHE A 934 22.08 8.74 -8.38
CA PHE A 934 21.59 10.04 -7.86
C PHE A 934 20.55 9.79 -6.79
N VAL A 935 20.74 10.34 -5.59
CA VAL A 935 19.67 10.44 -4.57
C VAL A 935 18.49 11.17 -5.22
N GLU A 936 17.28 10.88 -4.76
CA GLU A 936 15.99 11.46 -5.25
C GLU A 936 16.15 12.97 -5.51
N THR A 937 16.77 13.68 -4.57
CA THR A 937 16.94 15.16 -4.56
C THR A 937 17.81 15.60 -5.76
N LYS A 938 18.98 14.97 -5.95
CA LYS A 938 19.90 15.25 -7.08
C LYS A 938 19.19 14.92 -8.40
N ALA A 939 18.52 13.77 -8.46
CA ALA A 939 17.72 13.30 -9.62
C ALA A 939 16.71 14.37 -10.02
N ASP A 940 16.04 15.00 -9.05
CA ASP A 940 14.91 15.94 -9.31
C ASP A 940 15.46 17.27 -9.85
N SER A 941 16.68 17.66 -9.46
CA SER A 941 17.35 18.90 -9.94
C SER A 941 17.92 18.69 -11.35
N ILE A 942 18.35 17.46 -11.67
CA ILE A 942 18.81 17.09 -13.05
C ILE A 942 17.61 17.21 -13.99
N ILE A 943 16.48 16.57 -13.64
CA ILE A 943 15.19 16.64 -14.38
C ILE A 943 14.79 18.11 -14.57
N ARG A 944 15.07 18.95 -13.57
CA ARG A 944 14.66 20.38 -13.51
C ARG A 944 15.52 21.23 -14.46
N GLN A 945 16.81 20.92 -14.60
CA GLN A 945 17.84 21.79 -15.23
C GLN A 945 18.47 21.14 -16.47
N LYS A 946 18.59 19.81 -16.51
CA LYS A 946 19.43 19.07 -17.49
C LYS A 946 18.71 17.85 -18.06
N PRO A 947 17.37 17.86 -18.26
CA PRO A 947 16.66 16.62 -18.61
C PRO A 947 17.24 15.92 -19.86
N VAL A 948 17.69 16.70 -20.85
CA VAL A 948 18.15 16.20 -22.18
C VAL A 948 19.52 15.53 -22.02
N ASP A 949 20.35 15.97 -21.07
CA ASP A 949 21.66 15.35 -20.74
C ASP A 949 21.42 13.94 -20.19
N LEU A 950 20.46 13.79 -19.28
CA LEU A 950 20.10 12.49 -18.65
C LEU A 950 19.64 11.52 -19.74
N LEU A 951 18.74 11.97 -20.61
CA LEU A 951 18.18 11.17 -21.74
C LEU A 951 19.32 10.60 -22.58
N LYS A 952 20.23 11.47 -23.05
CA LYS A 952 21.36 11.13 -23.95
C LYS A 952 22.36 10.22 -23.21
N TYR A 953 22.66 10.53 -21.95
CA TYR A 953 23.52 9.68 -21.10
C TYR A 953 22.92 8.26 -21.06
N ASN A 954 21.60 8.17 -20.91
CA ASN A 954 20.88 6.90 -20.61
C ASN A 954 20.82 5.99 -21.84
N GLN A 955 21.16 6.50 -23.03
CA GLN A 955 21.17 5.67 -24.27
C GLN A 955 22.31 4.65 -24.21
N LYS A 956 23.47 5.03 -23.66
CA LYS A 956 24.69 4.17 -23.58
C LYS A 956 24.96 3.81 -22.12
N GLY A 957 24.92 4.79 -21.22
CA GLY A 957 25.17 4.61 -19.77
C GLY A 957 23.92 4.19 -19.02
N LEU A 958 24.09 3.67 -17.80
CA LEU A 958 23.01 3.28 -16.86
C LEU A 958 22.91 4.32 -15.74
N THR A 959 21.70 4.48 -15.18
CA THR A 959 21.38 5.40 -14.05
C THR A 959 20.60 4.64 -12.97
N ARG A 960 20.98 4.81 -11.71
CA ARG A 960 20.18 4.37 -10.55
C ARG A 960 19.74 5.61 -9.77
N VAL A 961 18.49 5.65 -9.34
CA VAL A 961 17.97 6.68 -8.40
C VAL A 961 17.45 5.94 -7.17
N TYR A 962 17.60 6.51 -5.98
CA TYR A 962 17.13 5.92 -4.71
C TYR A 962 16.51 7.03 -3.85
N PRO A 963 15.59 6.68 -2.92
CA PRO A 963 14.88 7.67 -2.12
C PRO A 963 15.86 8.52 -1.30
N LYS A 964 15.52 9.77 -1.01
CA LYS A 964 16.31 10.63 -0.09
C LYS A 964 16.29 9.96 1.30
N GLY A 965 17.30 10.26 2.13
CA GLY A 965 17.50 9.67 3.46
C GLY A 965 16.36 9.97 4.42
N GLN A 966 15.63 11.07 4.17
CA GLN A 966 14.54 11.57 5.04
C GLN A 966 13.30 10.67 4.95
N ARG A 967 13.10 9.95 3.84
CA ARG A 967 11.96 9.02 3.63
C ARG A 967 12.15 7.81 4.53
N VAL A 968 12.08 8.06 5.83
CA VAL A 968 12.38 7.10 6.92
C VAL A 968 11.12 6.24 7.16
N ASP A 969 9.98 6.68 6.63
CA ASP A 969 8.66 5.99 6.65
C ASP A 969 8.57 4.99 5.49
N SER A 970 9.63 4.88 4.68
CA SER A 970 9.75 3.96 3.52
C SER A 970 8.78 4.39 2.42
N SER A 971 8.37 5.66 2.41
CA SER A 971 7.57 6.29 1.33
C SER A 971 8.38 6.27 0.03
N ASN A 972 7.70 6.41 -1.10
CA ASN A 972 8.31 6.38 -2.45
C ASN A 972 8.20 7.77 -3.07
N TYR A 973 8.73 7.90 -4.30
CA TYR A 973 8.83 9.18 -5.05
C TYR A 973 8.39 8.91 -6.49
N ASP A 974 7.95 9.98 -7.16
CA ASP A 974 7.50 9.97 -8.58
C ASP A 974 8.65 9.47 -9.46
N PRO A 975 8.48 8.34 -10.17
CA PRO A 975 9.46 7.87 -11.14
C PRO A 975 9.19 8.25 -12.61
N PHE A 976 8.04 8.86 -12.91
CA PHE A 976 7.55 9.11 -14.30
C PHE A 976 8.54 9.93 -15.11
N ARG A 977 8.95 11.10 -14.59
CA ARG A 977 9.86 12.04 -15.31
C ARG A 977 11.21 11.35 -15.52
N LEU A 978 11.71 10.62 -14.51
CA LEU A 978 13.00 9.90 -14.60
C LEU A 978 12.90 8.84 -15.70
N TRP A 979 11.85 8.02 -15.67
CA TRP A 979 11.57 6.98 -16.70
C TRP A 979 11.57 7.63 -18.09
N LEU A 980 10.90 8.78 -18.26
CA LEU A 980 10.76 9.44 -19.58
C LEU A 980 12.08 10.07 -20.03
N CYS A 981 13.08 10.18 -19.13
CA CYS A 981 14.47 10.56 -19.47
C CYS A 981 15.35 9.31 -19.57
N GLY A 982 14.74 8.12 -19.56
CA GLY A 982 15.38 6.85 -19.94
C GLY A 982 16.13 6.22 -18.78
N SER A 983 15.92 6.72 -17.56
CA SER A 983 16.53 6.19 -16.33
C SER A 983 16.05 4.74 -16.12
N GLN A 984 16.99 3.82 -15.91
CA GLN A 984 16.77 2.35 -16.01
C GLN A 984 16.35 1.80 -14.64
N MET A 985 17.11 2.16 -13.60
CA MET A 985 16.90 1.63 -12.23
C MET A 985 16.42 2.76 -11.32
N VAL A 986 15.10 2.96 -11.27
CA VAL A 986 14.43 3.88 -10.30
C VAL A 986 13.99 3.05 -9.10
N ALA A 987 14.88 2.95 -8.10
CA ALA A 987 14.77 2.05 -6.93
C ALA A 987 13.69 2.58 -5.98
N LEU A 988 12.75 1.69 -5.62
CA LEU A 988 11.56 2.02 -4.79
C LEU A 988 11.45 1.03 -3.62
N ASN A 989 10.80 1.45 -2.56
CA ASN A 989 10.53 0.60 -1.37
C ASN A 989 9.35 -0.31 -1.73
N PHE A 990 9.65 -1.55 -2.13
CA PHE A 990 8.68 -2.60 -2.51
C PHE A 990 7.79 -3.01 -1.33
N GLN A 991 8.20 -2.71 -0.09
CA GLN A 991 7.48 -3.11 1.15
C GLN A 991 6.36 -2.11 1.44
N THR A 992 6.32 -1.00 0.70
CA THR A 992 5.39 0.13 0.92
C THR A 992 4.23 0.01 -0.09
N ALA A 993 3.00 0.07 0.42
CA ALA A 993 1.74 0.01 -0.35
C ALA A 993 1.30 1.43 -0.66
N ASP A 994 1.90 2.06 -1.68
CA ASP A 994 1.57 3.46 -2.07
C ASP A 994 1.47 3.56 -3.59
N LYS A 995 1.11 4.76 -4.08
CA LYS A 995 0.83 5.08 -5.50
C LYS A 995 1.99 4.61 -6.39
N TYR A 996 3.23 4.93 -6.02
CA TYR A 996 4.42 4.80 -6.90
C TYR A 996 4.85 3.34 -7.00
N MET A 997 4.72 2.54 -5.94
CA MET A 997 4.91 1.07 -6.06
C MET A 997 3.81 0.51 -6.97
N GLN A 998 2.59 1.00 -6.82
CA GLN A 998 1.45 0.61 -7.68
C GLN A 998 1.81 0.91 -9.14
N MET A 999 2.31 2.12 -9.45
CA MET A 999 2.80 2.47 -10.82
C MET A 999 3.85 1.44 -11.25
N ASN A 1000 4.83 1.16 -10.39
CA ASN A 1000 5.95 0.23 -10.71
C ASN A 1000 5.39 -1.14 -11.09
N HIS A 1001 4.46 -1.68 -10.31
CA HIS A 1001 3.82 -3.00 -10.56
C HIS A 1001 3.04 -2.95 -11.87
N ALA A 1002 2.43 -1.83 -12.21
CA ALA A 1002 1.68 -1.65 -13.48
C ALA A 1002 2.66 -1.77 -14.65
N LEU A 1003 3.69 -0.91 -14.67
CA LEU A 1003 4.71 -0.90 -15.73
C LEU A 1003 5.26 -2.32 -15.92
N PHE A 1004 5.65 -2.97 -14.84
CA PHE A 1004 6.38 -4.27 -14.88
C PHE A 1004 5.40 -5.45 -14.91
N SER A 1005 4.12 -5.19 -15.19
CA SER A 1005 3.11 -6.21 -15.57
C SER A 1005 3.20 -6.49 -17.07
N LEU A 1006 3.75 -5.54 -17.83
CA LEU A 1006 4.05 -5.71 -19.28
C LEU A 1006 5.15 -6.75 -19.42
N ASN A 1007 5.34 -7.27 -20.64
CA ASN A 1007 6.52 -8.11 -21.01
C ASN A 1007 6.69 -9.26 -20.01
N GLY A 1008 5.58 -9.86 -19.58
CA GLY A 1008 5.52 -11.14 -18.84
C GLY A 1008 6.21 -11.13 -17.48
N ARG A 1009 6.28 -9.97 -16.81
CA ARG A 1009 6.81 -9.85 -15.42
C ARG A 1009 8.28 -10.30 -15.38
N THR A 1010 9.04 -9.98 -16.44
CA THR A 1010 10.49 -10.22 -16.55
C THR A 1010 11.24 -9.15 -15.76
N GLY A 1011 10.63 -7.99 -15.53
CA GLY A 1011 11.26 -6.84 -14.86
C GLY A 1011 12.10 -6.01 -15.82
N TYR A 1012 12.00 -6.29 -17.13
CA TYR A 1012 12.55 -5.45 -18.22
C TYR A 1012 11.39 -5.05 -19.14
N VAL A 1013 11.27 -3.75 -19.40
CA VAL A 1013 10.32 -3.15 -20.38
C VAL A 1013 11.15 -2.29 -21.33
N LEU A 1014 11.22 -2.68 -22.60
CA LEU A 1014 11.93 -1.91 -23.65
C LEU A 1014 11.33 -0.50 -23.68
N GLN A 1015 12.18 0.52 -23.56
CA GLN A 1015 11.77 1.92 -23.75
C GLN A 1015 11.28 2.04 -25.20
N PRO A 1016 10.13 2.68 -25.46
CA PRO A 1016 9.65 2.84 -26.84
C PRO A 1016 10.67 3.48 -27.79
N GLU A 1017 10.60 3.11 -29.07
CA GLU A 1017 11.39 3.70 -30.18
C GLU A 1017 11.27 5.23 -30.19
N SER A 1018 10.09 5.76 -29.86
CA SER A 1018 9.81 7.22 -29.84
C SER A 1018 10.85 7.95 -28.99
N MET A 1019 11.30 7.33 -27.89
CA MET A 1019 12.25 7.93 -26.91
C MET A 1019 13.67 8.02 -27.49
N ARG A 1020 13.92 7.44 -28.66
CA ARG A 1020 15.27 7.37 -29.28
C ARG A 1020 15.34 8.14 -30.60
N THR A 1021 14.30 8.88 -30.99
CA THR A 1021 14.33 9.78 -32.19
C THR A 1021 14.86 11.15 -31.77
N GLU A 1022 15.29 11.96 -32.74
CA GLU A 1022 15.84 13.32 -32.50
C GLU A 1022 14.73 14.27 -32.03
N LYS A 1023 13.47 14.02 -32.43
CA LYS A 1023 12.32 14.94 -32.22
C LYS A 1023 11.53 14.56 -30.96
N TYR A 1024 12.02 13.59 -30.17
CA TYR A 1024 11.42 13.17 -28.88
C TYR A 1024 11.58 14.30 -27.86
N ASP A 1025 10.46 14.89 -27.46
CA ASP A 1025 10.36 15.90 -26.38
C ASP A 1025 9.31 15.39 -25.38
N PRO A 1026 9.71 15.02 -24.14
CA PRO A 1026 8.73 14.65 -23.12
C PRO A 1026 7.79 15.82 -22.78
N MET A 1027 8.34 17.05 -22.77
CA MET A 1027 7.66 18.29 -22.34
C MET A 1027 7.58 19.29 -23.50
N PRO A 1028 6.63 19.11 -24.45
CA PRO A 1028 6.38 20.13 -25.47
C PRO A 1028 5.59 21.31 -24.92
N PRO A 1029 5.58 22.48 -25.62
CA PRO A 1029 4.71 23.60 -25.26
C PRO A 1029 3.22 23.26 -25.43
N GLU A 1030 2.35 23.92 -24.64
CA GLU A 1030 0.88 23.71 -24.64
C GLU A 1030 0.33 23.73 -26.06
N SER A 1031 0.73 24.73 -26.85
CA SER A 1031 0.23 25.00 -28.23
C SER A 1031 0.71 23.93 -29.22
N GLN A 1032 1.86 23.30 -28.94
CA GLN A 1032 2.52 22.31 -29.85
C GLN A 1032 2.20 20.87 -29.42
N ARG A 1033 1.40 20.71 -28.35
CA ARG A 1033 0.88 19.40 -27.87
C ARG A 1033 0.22 18.66 -29.04
N LYS A 1034 0.77 17.49 -29.41
CA LYS A 1034 0.20 16.61 -30.47
C LYS A 1034 -0.64 15.52 -29.80
N ILE A 1035 -1.89 15.36 -30.22
CA ILE A 1035 -2.90 14.43 -29.62
C ILE A 1035 -3.03 13.20 -30.53
N LEU A 1036 -2.59 12.03 -30.06
CA LEU A 1036 -2.61 10.77 -30.84
C LEU A 1036 -3.89 9.98 -30.55
N MET A 1037 -4.50 10.18 -29.38
CA MET A 1037 -5.62 9.34 -28.89
C MET A 1037 -6.48 10.15 -27.91
N THR A 1038 -7.81 9.94 -27.95
CA THR A 1038 -8.74 10.34 -26.87
C THR A 1038 -9.26 9.06 -26.20
N LEU A 1039 -9.25 9.04 -24.87
CA LEU A 1039 -9.80 7.94 -24.03
C LEU A 1039 -11.00 8.52 -23.27
N THR A 1040 -12.20 7.92 -23.43
CA THR A 1040 -13.40 8.27 -22.64
C THR A 1040 -13.70 7.12 -21.68
N VAL A 1041 -14.12 7.44 -20.46
CA VAL A 1041 -14.37 6.46 -19.35
C VAL A 1041 -15.68 6.83 -18.67
N LYS A 1042 -16.53 5.84 -18.41
CA LYS A 1042 -17.72 5.91 -17.52
C LYS A 1042 -17.59 4.80 -16.48
N VAL A 1043 -17.61 5.15 -15.20
CA VAL A 1043 -17.66 4.14 -14.09
C VAL A 1043 -19.14 3.84 -13.85
N LEU A 1044 -19.57 2.61 -14.13
CA LEU A 1044 -20.99 2.20 -14.08
C LEU A 1044 -21.32 1.61 -12.70
N GLY A 1045 -20.47 0.75 -12.15
CA GLY A 1045 -20.71 0.08 -10.86
C GLY A 1045 -19.51 -0.71 -10.37
N ALA A 1046 -19.69 -1.43 -9.26
CA ALA A 1046 -18.66 -2.27 -8.62
C ALA A 1046 -19.32 -3.42 -7.85
N ARG A 1047 -18.57 -4.49 -7.59
CA ARG A 1047 -19.02 -5.61 -6.72
C ARG A 1047 -17.93 -5.92 -5.71
N HIS A 1048 -18.32 -6.33 -4.50
CA HIS A 1048 -17.44 -6.88 -3.43
C HIS A 1048 -16.30 -5.91 -3.10
N LEU A 1049 -16.60 -4.63 -2.86
CA LEU A 1049 -15.60 -3.66 -2.34
C LEU A 1049 -15.27 -4.05 -0.90
N PRO A 1050 -14.01 -3.97 -0.46
CA PRO A 1050 -13.65 -4.38 0.90
C PRO A 1050 -14.21 -3.42 1.95
N LYS A 1051 -14.54 -3.94 3.13
CA LYS A 1051 -14.96 -3.16 4.32
C LYS A 1051 -13.70 -2.80 5.12
N LEU A 1052 -13.36 -1.51 5.18
CA LEU A 1052 -12.12 -0.98 5.80
C LEU A 1052 -12.19 -1.17 7.31
N GLY A 1053 -13.20 -0.55 7.95
CA GLY A 1053 -13.35 -0.49 9.42
C GLY A 1053 -14.69 -1.01 9.90
N ARG A 1054 -15.32 -0.30 10.82
CA ARG A 1054 -16.52 -0.77 11.56
C ARG A 1054 -17.80 -0.38 10.80
N SER A 1055 -17.74 0.63 9.92
CA SER A 1055 -18.91 1.16 9.17
C SER A 1055 -18.93 0.62 7.73
N ILE A 1056 -20.13 0.61 7.11
CA ILE A 1056 -20.36 0.15 5.71
C ILE A 1056 -19.77 1.18 4.75
N ALA A 1057 -19.08 0.72 3.70
CA ALA A 1057 -18.37 1.58 2.73
C ALA A 1057 -19.37 2.51 2.04
N CYS A 1058 -19.02 3.80 1.92
CA CYS A 1058 -19.70 4.80 1.06
C CYS A 1058 -18.76 5.14 -0.10
N PRO A 1059 -18.68 4.30 -1.14
CA PRO A 1059 -17.60 4.40 -2.13
C PRO A 1059 -17.82 5.45 -3.23
N PHE A 1060 -16.70 5.88 -3.82
CA PHE A 1060 -16.64 6.67 -5.06
C PHE A 1060 -15.35 6.28 -5.77
N VAL A 1061 -15.30 6.47 -7.09
CA VAL A 1061 -14.11 6.10 -7.91
C VAL A 1061 -13.48 7.38 -8.45
N GLU A 1062 -12.16 7.47 -8.34
CA GLU A 1062 -11.32 8.50 -9.01
C GLU A 1062 -10.63 7.81 -10.19
N VAL A 1063 -10.87 8.32 -11.40
CA VAL A 1063 -10.18 7.89 -12.66
C VAL A 1063 -9.13 8.97 -12.97
N GLU A 1064 -7.91 8.57 -13.33
CA GLU A 1064 -6.87 9.52 -13.78
C GLU A 1064 -5.93 8.89 -14.81
N ILE A 1065 -5.46 9.70 -15.75
CA ILE A 1065 -4.33 9.38 -16.65
C ILE A 1065 -3.04 9.83 -15.94
N CYS A 1066 -2.19 8.88 -15.57
CA CYS A 1066 -0.92 9.14 -14.83
C CYS A 1066 0.25 9.19 -15.80
N GLY A 1067 1.22 10.06 -15.52
CA GLY A 1067 2.42 10.30 -16.35
C GLY A 1067 2.99 11.69 -16.11
N ALA A 1068 4.19 11.95 -16.65
CA ALA A 1068 4.93 13.22 -16.48
C ALA A 1068 4.34 14.34 -17.36
N GLU A 1069 3.44 13.98 -18.29
CA GLU A 1069 2.77 14.94 -19.21
C GLU A 1069 1.44 15.42 -18.62
N TYR A 1070 1.02 14.87 -17.47
CA TYR A 1070 -0.34 15.04 -16.90
C TYR A 1070 -0.25 15.67 -15.50
N ASP A 1071 -0.84 16.86 -15.37
CA ASP A 1071 -0.95 17.65 -14.12
C ASP A 1071 -2.31 17.35 -13.49
N ASN A 1072 -2.39 16.31 -12.66
CA ASN A 1072 -3.59 15.91 -11.87
C ASN A 1072 -4.78 15.75 -12.82
N ASN A 1073 -4.61 14.95 -13.88
CA ASN A 1073 -5.66 14.72 -14.92
C ASN A 1073 -6.62 13.63 -14.43
N LYS A 1074 -7.55 14.01 -13.54
CA LYS A 1074 -8.48 13.06 -12.86
C LYS A 1074 -9.91 13.59 -12.86
N PHE A 1075 -10.86 12.67 -12.70
CA PHE A 1075 -12.29 12.94 -12.40
C PHE A 1075 -12.76 11.90 -11.37
N LYS A 1076 -13.68 12.28 -10.49
CA LYS A 1076 -14.22 11.40 -9.45
C LYS A 1076 -15.72 11.23 -9.70
N THR A 1077 -16.28 10.06 -9.36
CA THR A 1077 -17.73 9.78 -9.39
C THR A 1077 -18.40 10.37 -8.15
N THR A 1078 -19.73 10.34 -8.10
CA THR A 1078 -20.53 10.70 -6.90
C THR A 1078 -20.36 9.58 -5.88
N VAL A 1079 -20.92 9.75 -4.68
CA VAL A 1079 -20.82 8.77 -3.56
C VAL A 1079 -22.11 7.96 -3.51
N VAL A 1080 -22.00 6.64 -3.38
CA VAL A 1080 -23.16 5.75 -3.06
C VAL A 1080 -23.12 5.54 -1.55
N ASN A 1081 -24.26 5.67 -0.86
CA ASN A 1081 -24.34 5.59 0.62
C ASN A 1081 -24.45 4.12 1.03
N ASP A 1082 -23.62 3.71 1.99
CA ASP A 1082 -23.74 2.43 2.75
C ASP A 1082 -24.01 1.27 1.77
N ASN A 1083 -23.08 1.02 0.86
CA ASN A 1083 -23.11 -0.14 -0.08
C ASN A 1083 -21.72 -0.31 -0.73
N GLY A 1084 -20.94 -1.28 -0.25
CA GLY A 1084 -19.67 -1.71 -0.85
C GLY A 1084 -19.87 -2.95 -1.71
N LEU A 1085 -20.91 -3.74 -1.43
CA LEU A 1085 -21.14 -5.05 -2.09
C LEU A 1085 -21.55 -4.85 -3.56
N SER A 1086 -22.40 -3.86 -3.86
CA SER A 1086 -23.05 -3.74 -5.19
C SER A 1086 -23.37 -2.28 -5.54
N PRO A 1087 -22.41 -1.33 -5.44
CA PRO A 1087 -22.68 0.07 -5.79
C PRO A 1087 -23.01 0.27 -7.28
N ILE A 1088 -23.71 1.36 -7.59
CA ILE A 1088 -24.02 1.78 -8.99
C ILE A 1088 -23.84 3.29 -9.09
N TRP A 1089 -23.16 3.76 -10.14
CA TRP A 1089 -22.90 5.20 -10.43
C TRP A 1089 -23.45 5.58 -11.82
N ALA A 1090 -23.87 4.62 -12.66
CA ALA A 1090 -24.18 4.84 -14.08
C ALA A 1090 -25.12 6.05 -14.28
N PRO A 1091 -26.24 6.17 -13.52
CA PRO A 1091 -27.23 7.22 -13.78
C PRO A 1091 -26.76 8.67 -13.53
N THR A 1092 -25.73 8.87 -12.70
CA THR A 1092 -25.40 10.20 -12.09
C THR A 1092 -24.64 11.08 -13.08
N GLN A 1093 -23.56 10.58 -13.71
CA GLN A 1093 -22.66 11.39 -14.58
C GLN A 1093 -22.59 10.80 -15.99
N GLU A 1094 -22.29 11.65 -16.98
CA GLU A 1094 -21.94 11.27 -18.38
C GLU A 1094 -20.50 10.75 -18.40
N LYS A 1095 -20.02 10.35 -19.58
CA LYS A 1095 -18.60 10.01 -19.84
C LYS A 1095 -17.73 11.25 -19.59
N VAL A 1096 -16.51 11.04 -19.10
CA VAL A 1096 -15.41 12.04 -19.13
C VAL A 1096 -14.45 11.61 -20.25
N THR A 1097 -13.87 12.58 -20.96
CA THR A 1097 -12.91 12.35 -22.08
C THR A 1097 -11.52 12.85 -21.67
N PHE A 1098 -10.51 11.98 -21.81
CA PHE A 1098 -9.07 12.27 -21.61
C PHE A 1098 -8.40 12.38 -22.97
N GLU A 1099 -7.59 13.43 -23.16
CA GLU A 1099 -6.67 13.59 -24.31
C GLU A 1099 -5.34 12.94 -23.93
N ILE A 1100 -4.87 11.98 -24.72
CA ILE A 1100 -3.58 11.25 -24.53
C ILE A 1100 -2.61 11.66 -25.65
N TYR A 1101 -1.44 12.16 -25.28
CA TYR A 1101 -0.40 12.69 -26.19
C TYR A 1101 0.38 11.51 -26.78
N ASP A 1102 0.76 10.56 -25.93
CA ASP A 1102 1.43 9.29 -26.33
C ASP A 1102 0.89 8.16 -25.46
N PRO A 1103 0.17 7.18 -26.03
CA PRO A 1103 -0.41 6.07 -25.26
C PRO A 1103 0.63 5.14 -24.62
N ASN A 1104 1.84 5.05 -25.19
CA ASN A 1104 2.93 4.13 -24.76
C ASN A 1104 3.67 4.68 -23.54
N LEU A 1105 3.35 5.90 -23.10
CA LEU A 1105 4.10 6.61 -22.02
C LEU A 1105 3.18 6.94 -20.84
N ALA A 1106 1.98 6.36 -20.77
CA ALA A 1106 0.94 6.78 -19.80
C ALA A 1106 0.24 5.56 -19.19
N PHE A 1107 -0.39 5.77 -18.03
CA PHE A 1107 -1.15 4.75 -17.27
C PHE A 1107 -2.59 5.26 -17.02
N LEU A 1108 -3.56 4.35 -17.14
CA LEU A 1108 -4.96 4.55 -16.71
C LEU A 1108 -5.09 4.00 -15.30
N ARG A 1109 -5.42 4.85 -14.33
CA ARG A 1109 -5.48 4.52 -12.88
C ARG A 1109 -6.90 4.71 -12.36
N PHE A 1110 -7.52 3.64 -11.87
CA PHE A 1110 -8.78 3.65 -11.09
C PHE A 1110 -8.41 3.50 -9.62
N VAL A 1111 -8.92 4.37 -8.74
CA VAL A 1111 -8.81 4.24 -7.27
C VAL A 1111 -10.21 4.37 -6.67
N VAL A 1112 -10.63 3.33 -5.93
CA VAL A 1112 -11.90 3.31 -5.15
C VAL A 1112 -11.58 3.82 -3.75
N TYR A 1113 -12.27 4.87 -3.32
CA TYR A 1113 -12.23 5.42 -1.95
C TYR A 1113 -13.58 5.21 -1.26
N GLU A 1114 -13.58 5.10 0.06
CA GLU A 1114 -14.80 5.32 0.88
C GLU A 1114 -14.79 6.78 1.35
N GLU A 1115 -15.95 7.42 1.34
CA GLU A 1115 -16.22 8.74 1.94
C GLU A 1115 -16.72 8.49 3.37
N ASP A 1116 -15.89 8.78 4.38
CA ASP A 1116 -16.22 8.50 5.81
C ASP A 1116 -17.10 9.64 6.33
N MET A 1117 -17.54 9.53 7.59
CA MET A 1117 -18.52 10.45 8.23
C MET A 1117 -17.99 11.90 8.23
N PHE A 1118 -16.67 12.10 8.20
CA PHE A 1118 -16.04 13.44 8.23
C PHE A 1118 -15.83 13.97 6.81
N SER A 1119 -16.28 13.24 5.79
CA SER A 1119 -16.17 13.57 4.35
C SER A 1119 -14.73 13.39 3.85
N ASP A 1120 -13.92 12.57 4.54
CA ASP A 1120 -12.50 12.30 4.20
C ASP A 1120 -12.41 11.05 3.32
N PRO A 1121 -11.57 11.07 2.26
CA PRO A 1121 -11.36 9.88 1.44
C PRO A 1121 -10.37 8.88 2.09
N ASN A 1122 -10.77 7.61 2.18
CA ASN A 1122 -9.91 6.49 2.66
C ASN A 1122 -9.80 5.45 1.54
N PHE A 1123 -8.58 4.98 1.26
CA PHE A 1123 -8.25 4.02 0.19
C PHE A 1123 -8.97 2.70 0.46
N LEU A 1124 -9.59 2.11 -0.57
CA LEU A 1124 -10.20 0.75 -0.53
C LEU A 1124 -9.43 -0.19 -1.45
N ALA A 1125 -9.27 0.20 -2.71
CA ALA A 1125 -8.65 -0.60 -3.79
C ALA A 1125 -8.14 0.32 -4.91
N HIS A 1126 -7.47 -0.28 -5.89
CA HIS A 1126 -6.97 0.40 -7.12
C HIS A 1126 -6.86 -0.60 -8.27
N ALA A 1127 -6.77 -0.08 -9.49
CA ALA A 1127 -6.32 -0.82 -10.69
C ALA A 1127 -5.58 0.18 -11.58
N THR A 1128 -4.35 -0.15 -11.93
CA THR A 1128 -3.44 0.73 -12.70
C THR A 1128 -2.87 -0.08 -13.86
N TYR A 1129 -2.99 0.46 -15.07
CA TYR A 1129 -2.66 -0.23 -16.34
C TYR A 1129 -1.89 0.72 -17.25
N PRO A 1130 -0.80 0.27 -17.91
CA PRO A 1130 -0.32 0.96 -19.10
C PRO A 1130 -1.48 1.05 -20.09
N ILE A 1131 -1.73 2.23 -20.65
CA ILE A 1131 -2.84 2.50 -21.62
C ILE A 1131 -2.72 1.52 -22.79
N LYS A 1132 -1.49 1.20 -23.18
CA LYS A 1132 -1.10 0.16 -24.17
C LYS A 1132 -1.98 -1.09 -24.02
N ALA A 1133 -2.19 -1.56 -22.79
CA ALA A 1133 -2.81 -2.87 -22.47
C ALA A 1133 -4.29 -2.73 -22.07
N VAL A 1134 -4.93 -1.59 -22.36
CA VAL A 1134 -6.35 -1.31 -22.01
C VAL A 1134 -7.25 -1.61 -23.23
N LYS A 1135 -8.26 -2.46 -23.04
CA LYS A 1135 -9.25 -2.84 -24.09
C LYS A 1135 -10.49 -1.95 -23.95
N SER A 1136 -11.20 -1.75 -25.06
CA SER A 1136 -12.39 -0.86 -25.17
C SER A 1136 -13.65 -1.63 -24.81
N GLY A 1137 -14.76 -0.91 -24.59
CA GLY A 1137 -16.10 -1.48 -24.37
C GLY A 1137 -16.45 -1.59 -22.90
N PHE A 1138 -17.50 -2.35 -22.60
CA PHE A 1138 -17.99 -2.64 -21.22
C PHE A 1138 -17.05 -3.67 -20.60
N ARG A 1139 -16.11 -3.18 -19.77
CA ARG A 1139 -14.99 -3.98 -19.24
C ARG A 1139 -15.08 -4.02 -17.71
N SER A 1140 -14.81 -5.20 -17.13
CA SER A 1140 -14.55 -5.36 -15.68
C SER A 1140 -13.17 -4.76 -15.38
N VAL A 1141 -12.99 -4.24 -14.18
CA VAL A 1141 -11.67 -3.75 -13.66
C VAL A 1141 -11.41 -4.49 -12.35
N PRO A 1142 -10.66 -5.62 -12.37
CA PRO A 1142 -10.33 -6.38 -11.17
C PRO A 1142 -9.49 -5.54 -10.18
N LEU A 1143 -10.02 -5.34 -8.97
CA LEU A 1143 -9.50 -4.37 -7.98
C LEU A 1143 -8.42 -5.01 -7.11
N LYS A 1144 -7.37 -4.24 -6.83
CA LYS A 1144 -6.19 -4.69 -6.06
C LYS A 1144 -6.08 -3.83 -4.80
N ASN A 1145 -5.46 -4.36 -3.75
CA ASN A 1145 -5.16 -3.62 -2.50
C ASN A 1145 -3.94 -2.72 -2.75
N GLY A 1146 -3.48 -2.02 -1.71
CA GLY A 1146 -2.33 -1.10 -1.77
C GLY A 1146 -1.05 -1.79 -2.21
N TYR A 1147 -0.91 -3.10 -1.98
CA TYR A 1147 0.30 -3.90 -2.34
C TYR A 1147 0.16 -4.47 -3.76
N SER A 1148 -0.94 -4.16 -4.44
CA SER A 1148 -1.29 -4.61 -5.81
C SER A 1148 -1.54 -6.11 -5.83
N GLU A 1149 -2.07 -6.66 -4.73
CA GLU A 1149 -2.56 -8.07 -4.65
C GLU A 1149 -4.07 -8.07 -4.91
N ASP A 1150 -4.56 -9.12 -5.56
CA ASP A 1150 -5.98 -9.22 -6.01
C ASP A 1150 -6.87 -9.35 -4.78
N ILE A 1151 -7.97 -8.60 -4.76
CA ILE A 1151 -9.07 -8.72 -3.75
C ILE A 1151 -10.16 -9.60 -4.37
N GLU A 1152 -10.47 -10.72 -3.71
CA GLU A 1152 -11.44 -11.75 -4.19
C GLU A 1152 -12.72 -11.06 -4.68
N LEU A 1153 -13.13 -11.36 -5.92
CA LEU A 1153 -14.42 -10.99 -6.56
C LEU A 1153 -14.62 -9.46 -6.63
N ALA A 1154 -13.63 -8.66 -6.20
CA ALA A 1154 -13.71 -7.19 -6.21
C ALA A 1154 -13.47 -6.70 -7.63
N SER A 1155 -14.39 -5.91 -8.20
CA SER A 1155 -14.23 -5.34 -9.56
C SER A 1155 -15.13 -4.12 -9.76
N LEU A 1156 -14.66 -3.14 -10.53
CA LEU A 1156 -15.52 -2.12 -11.18
C LEU A 1156 -16.07 -2.70 -12.48
N LEU A 1157 -17.21 -2.20 -12.93
CA LEU A 1157 -17.64 -2.25 -14.34
C LEU A 1157 -17.51 -0.83 -14.91
N VAL A 1158 -16.79 -0.68 -16.02
CA VAL A 1158 -16.58 0.63 -16.71
C VAL A 1158 -16.91 0.45 -18.20
N PHE A 1159 -17.19 1.56 -18.88
CA PHE A 1159 -17.21 1.67 -20.35
C PHE A 1159 -16.01 2.52 -20.77
N CYS A 1160 -15.25 2.06 -21.76
CA CYS A 1160 -14.05 2.75 -22.31
C CYS A 1160 -14.09 2.78 -23.83
N GLU A 1161 -13.81 3.95 -24.40
CA GLU A 1161 -13.73 4.22 -25.85
C GLU A 1161 -12.35 4.83 -26.14
N MET A 1162 -11.53 4.19 -26.97
CA MET A 1162 -10.25 4.74 -27.48
C MET A 1162 -10.39 5.06 -28.97
N ARG A 1163 -10.18 6.32 -29.35
CA ARG A 1163 -10.23 6.82 -30.74
C ARG A 1163 -8.85 7.32 -31.14
N PRO A 1164 -8.18 6.70 -32.15
CA PRO A 1164 -6.85 7.13 -32.58
C PRO A 1164 -6.93 8.24 -33.63
#